data_6DLI
#
_entry.id   6DLI
#
_cell.length_a   80.888
_cell.length_b   95.605
_cell.length_c   179.284
_cell.angle_alpha   90.00
_cell.angle_beta   90.00
_cell.angle_gamma   90.00
#
_symmetry.space_group_name_H-M   'P 21 21 21'
#
loop_
_entity.id
_entity.type
_entity.pdbx_description
1 polymer 'Glutamate racemase'
2 non-polymer 3-chloro-D-alanine
3 non-polymer GLYCEROL
4 water water
#
_entity_poly.entity_id   1
_entity_poly.type   'polypeptide(L)'
_entity_poly.pdbx_seq_one_letter_code
;MGSSHHHHHHSSGLVPRGSHMVKDPKAPIGVFDSGVGGLTVLKALRRLLPREEFLYFGDTARVPYGGKPLAMVRRFAWEI
AGFLLRQGVKAIVVACNTASSAALPDLAEDLSVPVFGVVEPAARAARGFRKVGLIGTQATVESGAYPRYVDLAWAKACPL
FVPLVEEGLWDDPVALLVARHYLEDAPKDLEALILGCTHYPFLKGAIGAVLPGVALLDSAELTAQEVARALEAEGLLNPE
GRGRTFHLVTGDPEAYRALAERLGERVEAVRRVSLEEL
;
_entity_poly.pdbx_strand_id   A,B,C,D
#
loop_
_chem_comp.id
_chem_comp.type
_chem_comp.name
_chem_comp.formula
GOL non-polymer GLYCEROL 'C3 H8 O3'
#
# COMPACT_ATOMS: atom_id res chain seq x y z
N LYS A 23 26.38 -18.72 -6.78
CA LYS A 23 27.06 -17.57 -6.14
C LYS A 23 27.96 -16.79 -7.14
N ASP A 24 28.02 -15.48 -7.01
CA ASP A 24 28.81 -14.61 -7.89
C ASP A 24 29.58 -13.64 -7.01
N PRO A 25 30.90 -13.70 -6.96
CA PRO A 25 31.64 -12.81 -6.06
C PRO A 25 31.73 -11.38 -6.53
N LYS A 26 31.45 -11.08 -7.81
CA LYS A 26 31.39 -9.70 -8.29
C LYS A 26 30.09 -8.99 -7.91
N ALA A 27 29.11 -9.74 -7.42
CA ALA A 27 27.86 -9.16 -6.96
C ALA A 27 28.05 -8.33 -5.67
N PRO A 28 27.21 -7.34 -5.46
CA PRO A 28 27.32 -6.48 -4.26
C PRO A 28 26.77 -7.11 -2.98
N ILE A 29 27.20 -6.52 -1.86
CA ILE A 29 26.65 -6.80 -0.55
C ILE A 29 25.57 -5.79 -0.22
N GLY A 30 24.42 -6.28 0.23
CA GLY A 30 23.30 -5.40 0.60
C GLY A 30 23.29 -5.06 2.06
N VAL A 31 23.07 -3.79 2.37
CA VAL A 31 22.97 -3.34 3.76
C VAL A 31 21.74 -2.45 3.90
N PHE A 32 20.89 -2.72 4.89
CA PHE A 32 19.71 -1.85 5.02
C PHE A 32 19.43 -1.50 6.47
N ASP A 33 18.79 -0.34 6.60
CA ASP A 33 18.50 0.34 7.86
C ASP A 33 17.28 1.22 7.63
N SER A 34 16.75 1.79 8.71
CA SER A 34 15.65 2.70 8.48
C SER A 34 16.15 4.01 7.90
N GLY A 35 17.42 4.30 8.00
CA GLY A 35 17.89 5.64 7.67
C GLY A 35 19.39 5.77 7.72
N VAL A 36 19.91 6.84 8.33
CA VAL A 36 21.34 7.10 8.41
C VAL A 36 22.05 6.30 9.51
N GLY A 37 21.33 5.78 10.50
CA GLY A 37 22.01 5.09 11.58
C GLY A 37 22.86 3.92 11.09
N GLY A 38 22.38 3.20 10.07
CA GLY A 38 23.14 2.06 9.58
C GLY A 38 24.50 2.37 8.95
N LEU A 39 24.83 3.65 8.74
CA LEU A 39 26.12 3.99 8.17
C LEU A 39 27.29 3.65 9.10
N THR A 40 27.07 3.58 10.44
CA THR A 40 28.13 3.08 11.30
C THR A 40 28.53 1.66 10.93
N VAL A 41 27.55 0.82 10.57
CA VAL A 41 27.80 -0.56 10.16
C VAL A 41 28.44 -0.57 8.79
N LEU A 42 27.93 0.28 7.89
CA LEU A 42 28.53 0.35 6.56
C LEU A 42 29.98 0.73 6.64
N LYS A 43 30.31 1.73 7.48
CA LYS A 43 31.69 2.22 7.59
C LYS A 43 32.61 1.13 8.06
N ALA A 44 32.23 0.43 9.10
CA ALA A 44 33.01 -0.69 9.54
C ALA A 44 33.18 -1.73 8.43
N LEU A 45 32.10 -2.02 7.69
CA LEU A 45 32.19 -3.00 6.61
C LEU A 45 33.21 -2.57 5.55
N ARG A 46 33.13 -1.32 5.13
CA ARG A 46 34.00 -0.87 4.06
C ARG A 46 35.44 -0.83 4.51
N ARG A 47 35.69 -0.53 5.78
CA ARG A 47 37.07 -0.57 6.24
C ARG A 47 37.65 -1.98 6.12
N LEU A 48 36.87 -3.02 6.44
CA LEU A 48 37.34 -4.40 6.33
C LEU A 48 37.26 -4.97 4.90
N LEU A 49 36.40 -4.44 4.03
CA LEU A 49 36.15 -5.05 2.73
C LEU A 49 36.19 -3.97 1.65
N PRO A 50 37.34 -3.32 1.47
CA PRO A 50 37.36 -2.12 0.63
C PRO A 50 37.15 -2.39 -0.82
N ARG A 51 37.25 -3.62 -1.25
CA ARG A 51 37.04 -3.86 -2.66
C ARG A 51 35.58 -4.24 -2.97
N GLU A 52 34.75 -4.45 -1.95
CA GLU A 52 33.39 -4.95 -2.15
C GLU A 52 32.48 -3.83 -2.63
N GLU A 53 31.53 -4.16 -3.53
CA GLU A 53 30.51 -3.19 -3.93
C GLU A 53 29.32 -3.30 -2.97
N PHE A 54 28.84 -2.15 -2.45
CA PHE A 54 27.73 -2.14 -1.48
C PHE A 54 26.48 -1.41 -1.98
N LEU A 55 25.31 -1.98 -1.72
CA LEU A 55 24.04 -1.27 -1.89
C LEU A 55 23.46 -0.97 -0.51
N TYR A 56 23.41 0.29 -0.14
CA TYR A 56 22.90 0.70 1.14
C TYR A 56 21.47 1.18 0.95
N PHE A 57 20.54 0.56 1.64
CA PHE A 57 19.14 0.89 1.48
C PHE A 57 18.74 1.55 2.79
N GLY A 58 18.34 2.81 2.71
CA GLY A 58 17.84 3.54 3.85
C GLY A 58 16.39 3.88 3.65
N ASP A 59 15.54 3.32 4.51
CA ASP A 59 14.09 3.44 4.38
C ASP A 59 13.55 4.75 4.98
N THR A 60 14.07 5.87 4.49
CA THR A 60 13.78 7.13 5.20
C THR A 60 12.34 7.59 5.07
N ALA A 61 11.55 7.00 4.18
CA ALA A 61 10.13 7.32 4.14
C ALA A 61 9.39 6.74 5.36
N ARG A 62 9.97 5.74 6.03
CA ARG A 62 9.30 5.08 7.13
C ARG A 62 10.11 5.04 8.42
N VAL A 63 11.19 5.78 8.51
CA VAL A 63 11.99 5.92 9.73
C VAL A 63 11.19 6.71 10.74
N PRO A 64 11.28 6.44 12.08
CA PRO A 64 12.05 5.40 12.80
C PRO A 64 11.22 4.12 12.94
N TYR A 65 11.91 2.99 13.11
CA TYR A 65 11.31 1.69 13.37
C TYR A 65 11.04 1.48 14.87
N GLY A 66 11.76 2.21 15.72
CA GLY A 66 11.79 1.88 17.12
C GLY A 66 10.45 2.01 17.83
N GLY A 67 9.54 2.86 17.32
CA GLY A 67 8.20 2.96 17.89
C GLY A 67 7.07 2.26 17.16
N LYS A 68 7.38 1.41 16.27
CA LYS A 68 6.38 0.66 15.48
C LYS A 68 6.14 -0.75 16.03
N PRO A 69 4.99 -1.34 15.72
CA PRO A 69 4.80 -2.76 16.02
C PRO A 69 5.87 -3.63 15.35
N LEU A 70 6.42 -4.53 16.16
CA LEU A 70 7.46 -5.42 15.69
C LEU A 70 7.01 -6.20 14.43
N ALA A 71 5.72 -6.58 14.34
CA ALA A 71 5.34 -7.31 13.12
C ALA A 71 5.36 -6.44 11.85
N MET A 72 5.11 -5.14 11.99
CA MET A 72 5.17 -4.24 10.85
C MET A 72 6.61 -4.08 10.39
N VAL A 73 7.53 -3.91 11.33
CA VAL A 73 8.94 -3.85 10.99
C VAL A 73 9.35 -5.11 10.25
N ARG A 74 8.81 -6.26 10.66
CA ARG A 74 9.12 -7.55 10.02
C ARG A 74 8.66 -7.60 8.56
N ARG A 75 7.54 -6.95 8.21
CA ARG A 75 7.15 -6.87 6.80
C ARG A 75 8.12 -5.98 6.06
N PHE A 76 8.54 -4.91 6.71
CA PHE A 76 9.54 -4.05 6.12
C PHE A 76 10.78 -4.86 5.79
N ALA A 77 11.26 -5.64 6.74
CA ALA A 77 12.48 -6.39 6.46
C ALA A 77 12.29 -7.30 5.24
N TRP A 78 11.15 -7.96 5.17
CA TRP A 78 10.89 -8.88 4.06
C TRP A 78 10.86 -8.14 2.71
N GLU A 79 10.13 -7.04 2.68
CA GLU A 79 9.99 -6.23 1.47
C GLU A 79 11.35 -5.75 0.95
N ILE A 80 12.14 -5.12 1.82
CA ILE A 80 13.43 -4.62 1.42
C ILE A 80 14.36 -5.77 1.05
N ALA A 81 14.29 -6.88 1.79
CA ALA A 81 15.12 -8.03 1.41
C ALA A 81 14.79 -8.50 0.00
N GLY A 82 13.49 -8.54 -0.35
CA GLY A 82 13.15 -8.88 -1.71
C GLY A 82 13.73 -7.89 -2.70
N PHE A 83 13.65 -6.61 -2.38
CA PHE A 83 14.20 -5.60 -3.26
C PHE A 83 15.71 -5.82 -3.50
N LEU A 84 16.46 -6.03 -2.42
CA LEU A 84 17.90 -6.22 -2.59
C LEU A 84 18.19 -7.49 -3.40
N LEU A 85 17.44 -8.57 -3.16
CA LEU A 85 17.67 -9.76 -3.99
C LEU A 85 17.39 -9.45 -5.47
N ARG A 86 16.37 -8.64 -5.77
CA ARG A 86 16.14 -8.27 -7.16
C ARG A 86 17.24 -7.40 -7.72
N GLN A 87 18.01 -6.69 -6.89
CA GLN A 87 19.17 -6.01 -7.43
C GLN A 87 20.35 -6.96 -7.55
N GLY A 88 20.23 -8.17 -7.04
CA GLY A 88 21.28 -9.16 -7.21
C GLY A 88 22.32 -9.29 -6.13
N VAL A 89 22.04 -8.87 -4.88
CA VAL A 89 23.05 -8.92 -3.84
C VAL A 89 23.38 -10.38 -3.55
N LYS A 90 24.57 -10.60 -3.04
CA LYS A 90 25.03 -11.94 -2.67
C LYS A 90 24.96 -12.17 -1.19
N ALA A 91 24.61 -11.16 -0.41
CA ALA A 91 24.44 -11.26 1.03
C ALA A 91 23.71 -10.03 1.50
N ILE A 92 23.06 -10.15 2.65
CA ILE A 92 22.30 -9.07 3.23
C ILE A 92 22.75 -8.89 4.65
N VAL A 93 23.03 -7.63 5.02
CA VAL A 93 23.31 -7.21 6.38
C VAL A 93 22.14 -6.36 6.81
N VAL A 94 21.47 -6.75 7.89
CA VAL A 94 20.42 -5.95 8.49
C VAL A 94 21.11 -5.05 9.50
N ALA A 95 21.42 -3.81 9.11
CA ALA A 95 22.19 -2.98 10.04
C ALA A 95 21.33 -2.49 11.22
N CYS A 96 20.02 -2.39 11.09
CA CYS A 96 19.19 -1.91 12.19
C CYS A 96 19.04 -2.93 13.33
N ASN A 97 19.27 -2.51 14.58
CA ASN A 97 19.04 -3.39 15.71
C ASN A 97 17.57 -3.64 15.94
N THR A 98 16.73 -2.65 15.64
CA THR A 98 15.29 -2.92 15.77
C THR A 98 14.86 -4.00 14.78
N ALA A 99 15.26 -3.86 13.50
CA ALA A 99 14.93 -4.81 12.43
C ALA A 99 15.55 -6.17 12.65
N SER A 100 16.80 -6.26 13.17
CA SER A 100 17.33 -7.59 13.51
C SER A 100 16.42 -8.26 14.51
N SER A 101 15.98 -7.52 15.51
CA SER A 101 15.15 -8.07 16.55
C SER A 101 13.83 -8.53 15.97
N ALA A 102 13.30 -7.81 14.99
CA ALA A 102 12.01 -8.15 14.42
C ALA A 102 12.06 -9.33 13.46
N ALA A 103 13.14 -9.49 12.72
CA ALA A 103 13.13 -10.33 11.55
C ALA A 103 14.10 -11.48 11.61
N LEU A 104 15.23 -11.38 12.57
CA LEU A 104 16.17 -12.48 12.68
C LEU A 104 15.87 -13.29 13.91
N PRO A 105 16.19 -14.59 13.92
CA PRO A 105 16.92 -15.39 12.92
C PRO A 105 16.06 -15.86 11.71
N ASP A 106 14.75 -15.62 11.70
CA ASP A 106 13.92 -16.28 10.69
C ASP A 106 14.33 -15.87 9.29
N LEU A 107 14.68 -14.60 9.12
CA LEU A 107 15.04 -14.14 7.79
C LEU A 107 16.25 -14.88 7.28
N ALA A 108 17.20 -15.16 8.16
CA ALA A 108 18.37 -15.93 7.75
C ALA A 108 17.98 -17.38 7.45
N GLU A 109 17.07 -17.96 8.23
CA GLU A 109 16.64 -19.32 7.92
C GLU A 109 15.91 -19.40 6.60
N ASP A 110 15.03 -18.44 6.32
CA ASP A 110 14.23 -18.47 5.08
C ASP A 110 14.85 -18.02 3.75
N LEU A 111 16.06 -17.49 3.78
CA LEU A 111 16.74 -17.02 2.58
C LEU A 111 17.98 -17.84 2.28
N SER A 112 18.29 -17.95 1.00
CA SER A 112 19.48 -18.67 0.60
C SER A 112 20.76 -17.86 0.79
N VAL A 113 20.73 -16.56 0.46
CA VAL A 113 21.94 -15.78 0.69
C VAL A 113 22.25 -15.72 2.17
N PRO A 114 23.51 -15.60 2.54
CA PRO A 114 23.84 -15.31 3.95
C PRO A 114 23.18 -14.02 4.40
N VAL A 115 22.58 -14.05 5.57
CA VAL A 115 21.93 -12.92 6.19
C VAL A 115 22.52 -12.72 7.57
N PHE A 116 22.95 -11.48 7.86
CA PHE A 116 23.63 -11.08 9.09
C PHE A 116 22.83 -10.01 9.79
N GLY A 117 22.82 -10.03 11.11
CA GLY A 117 22.21 -8.97 11.88
C GLY A 117 23.20 -8.42 12.88
N VAL A 118 22.73 -7.46 13.68
CA VAL A 118 23.55 -6.73 14.63
C VAL A 118 23.25 -7.11 16.08
N VAL A 119 22.36 -8.06 16.30
CA VAL A 119 22.08 -8.48 17.64
C VAL A 119 23.03 -9.62 18.00
N GLU A 120 23.05 -10.67 17.19
CA GLU A 120 23.73 -11.89 17.62
C GLU A 120 25.24 -11.69 17.85
N PRO A 121 26.00 -11.02 16.98
CA PRO A 121 27.44 -10.88 17.26
C PRO A 121 27.76 -10.12 18.54
N ALA A 122 26.99 -9.09 18.85
CA ALA A 122 27.32 -8.35 20.05
C ALA A 122 26.98 -9.13 21.31
N ALA A 123 25.85 -9.88 21.29
CA ALA A 123 25.49 -10.75 22.42
C ALA A 123 26.52 -11.85 22.67
N ARG A 124 27.09 -12.38 21.60
CA ARG A 124 28.09 -13.44 21.72
C ARG A 124 29.31 -12.93 22.49
N ALA A 125 29.86 -11.76 22.11
CA ALA A 125 30.97 -11.21 22.86
C ALA A 125 30.57 -10.93 24.30
N ALA A 126 29.30 -10.64 24.52
CA ALA A 126 28.85 -10.20 25.84
C ALA A 126 28.84 -11.36 26.82
N ARG A 127 28.77 -12.59 26.31
CA ARG A 127 28.83 -13.80 27.11
C ARG A 127 30.16 -13.98 27.83
N GLY A 128 31.21 -13.19 27.48
CA GLY A 128 32.46 -13.17 28.23
C GLY A 128 32.51 -12.20 29.41
N PHE A 129 31.36 -11.89 30.03
CA PHE A 129 31.25 -10.96 31.15
C PHE A 129 30.17 -11.51 32.09
N ARG A 130 30.26 -11.14 33.39
CA ARG A 130 29.36 -11.71 34.40
C ARG A 130 27.99 -11.03 34.43
N LYS A 131 27.97 -9.69 34.42
CA LYS A 131 26.74 -8.90 34.57
C LYS A 131 26.77 -7.90 33.41
N VAL A 132 25.81 -8.06 32.47
CA VAL A 132 25.77 -7.38 31.15
C VAL A 132 24.49 -6.56 31.00
N GLY A 133 24.64 -5.32 30.53
CA GLY A 133 23.48 -4.51 30.23
C GLY A 133 23.18 -4.23 28.75
N LEU A 134 21.98 -3.75 28.45
CA LEU A 134 21.63 -3.42 27.08
C LEU A 134 20.88 -2.09 27.06
N ILE A 135 21.28 -1.18 26.12
CA ILE A 135 20.51 0.02 25.79
C ILE A 135 20.08 0.03 24.30
N GLY A 136 18.91 0.62 24.01
CA GLY A 136 18.41 0.65 22.65
C GLY A 136 17.07 1.36 22.49
N THR A 137 16.41 1.16 21.35
CA THR A 137 15.08 1.74 21.11
C THR A 137 14.02 1.01 21.96
N GLN A 138 12.83 1.63 22.15
CA GLN A 138 11.70 0.91 22.77
C GLN A 138 11.46 -0.45 22.11
N ALA A 139 11.31 -0.48 20.78
CA ALA A 139 11.07 -1.78 20.15
C ALA A 139 12.18 -2.78 20.48
N THR A 140 13.44 -2.36 20.45
CA THR A 140 14.51 -3.35 20.67
C THR A 140 14.48 -3.96 22.08
N VAL A 141 14.32 -3.14 23.14
CA VAL A 141 14.33 -3.81 24.42
C VAL A 141 13.05 -4.63 24.60
N GLU A 142 11.92 -4.21 23.99
CA GLU A 142 10.67 -4.95 24.21
C GLU A 142 10.62 -6.23 23.39
N SER A 143 11.50 -6.39 22.39
CA SER A 143 11.44 -7.60 21.57
C SER A 143 11.89 -8.83 22.38
N GLY A 144 12.72 -8.62 23.39
CA GLY A 144 13.32 -9.79 23.96
C GLY A 144 14.22 -10.52 23.00
N ALA A 145 14.67 -9.85 21.94
CA ALA A 145 15.58 -10.51 21.00
C ALA A 145 16.95 -10.72 21.61
N TYR A 146 17.44 -9.74 22.45
CA TYR A 146 18.77 -9.89 23.05
C TYR A 146 18.77 -11.03 24.07
N PRO A 147 17.74 -11.16 24.92
CA PRO A 147 17.74 -12.27 25.90
C PRO A 147 17.78 -13.70 25.28
N ARG A 148 17.36 -13.90 24.04
CA ARG A 148 17.55 -15.21 23.43
C ARG A 148 19.04 -15.60 23.31
N TYR A 149 19.96 -14.63 23.28
CA TYR A 149 21.37 -14.97 23.09
C TYR A 149 22.32 -14.79 24.27
N VAL A 150 21.95 -13.93 25.22
CA VAL A 150 22.81 -13.64 26.37
C VAL A 150 21.89 -13.22 27.52
N ASP A 151 22.25 -13.62 28.73
CA ASP A 151 21.45 -13.28 29.90
C ASP A 151 21.74 -11.83 30.28
N LEU A 152 20.70 -11.06 30.50
CA LEU A 152 20.90 -9.65 30.73
C LEU A 152 20.64 -9.29 32.18
N ALA A 153 21.55 -8.47 32.73
CA ALA A 153 21.31 -7.95 34.06
C ALA A 153 20.48 -6.68 34.03
N TRP A 154 20.49 -5.93 32.92
CA TRP A 154 19.83 -4.61 32.94
C TRP A 154 19.59 -4.14 31.52
N ALA A 155 18.40 -3.60 31.26
CA ALA A 155 18.09 -3.06 29.95
C ALA A 155 17.24 -1.80 30.10
N LYS A 156 17.60 -0.77 29.30
CA LYS A 156 16.93 0.53 29.32
C LYS A 156 16.79 1.04 27.88
N ALA A 157 15.55 1.42 27.51
CA ALA A 157 15.36 2.16 26.28
C ALA A 157 15.78 3.63 26.45
N CYS A 158 16.44 4.17 25.43
CA CYS A 158 17.03 5.50 25.42
C CYS A 158 16.51 6.29 24.22
N PRO A 159 15.23 6.63 24.22
CA PRO A 159 14.65 7.22 22.99
C PRO A 159 15.37 8.44 22.46
N LEU A 160 15.80 9.35 23.32
CA LEU A 160 16.39 10.62 22.89
C LEU A 160 17.78 10.47 22.30
N PHE A 161 18.45 9.34 22.51
CA PHE A 161 19.80 9.24 21.96
C PHE A 161 19.79 9.40 20.43
N VAL A 162 18.78 8.84 19.72
CA VAL A 162 18.82 8.90 18.26
C VAL A 162 18.72 10.33 17.79
N PRO A 163 17.75 11.13 18.24
CA PRO A 163 17.72 12.50 17.75
C PRO A 163 18.94 13.30 18.21
N LEU A 164 19.52 13.03 19.40
CA LEU A 164 20.75 13.73 19.79
C LEU A 164 21.80 13.56 18.73
N VAL A 165 21.93 12.34 18.24
CA VAL A 165 22.94 12.07 17.23
C VAL A 165 22.54 12.72 15.92
N GLU A 166 21.28 12.61 15.52
CA GLU A 166 20.92 13.19 14.22
C GLU A 166 21.03 14.71 14.20
N GLU A 167 20.87 15.38 15.34
CA GLU A 167 21.08 16.82 15.46
C GLU A 167 22.53 17.21 15.63
N GLY A 168 23.47 16.25 15.68
CA GLY A 168 24.88 16.63 15.77
C GLY A 168 25.30 17.08 17.15
N LEU A 169 24.70 16.54 18.22
CA LEU A 169 24.95 17.06 19.56
C LEU A 169 25.70 16.07 20.42
N TRP A 170 26.46 15.15 19.83
CA TRP A 170 27.06 14.11 20.66
C TRP A 170 28.19 14.63 21.55
N ASP A 171 28.81 15.76 21.19
CA ASP A 171 29.87 16.37 21.98
C ASP A 171 29.34 17.47 22.87
N ASP A 172 28.11 17.75 22.79
CA ASP A 172 27.51 18.83 23.54
C ASP A 172 27.28 18.37 24.97
N PRO A 173 27.24 19.30 25.92
CA PRO A 173 26.84 18.93 27.28
C PRO A 173 25.42 18.37 27.43
N VAL A 174 24.41 18.73 26.62
CA VAL A 174 23.14 18.02 26.84
C VAL A 174 23.32 16.52 26.64
N ALA A 175 24.25 16.13 25.77
CA ALA A 175 24.53 14.72 25.58
C ALA A 175 25.04 14.09 26.89
N LEU A 176 25.88 14.82 27.64
CA LEU A 176 26.28 14.34 28.98
C LEU A 176 25.07 14.30 29.93
N LEU A 177 24.24 15.32 29.92
CA LEU A 177 23.10 15.34 30.81
C LEU A 177 22.11 14.26 30.48
N VAL A 178 21.83 14.05 29.17
CA VAL A 178 20.91 13.00 28.70
C VAL A 178 21.48 11.61 28.91
N ALA A 179 22.76 11.40 28.63
CA ALA A 179 23.37 10.13 29.01
C ALA A 179 23.14 9.82 30.50
N ARG A 180 23.42 10.81 31.37
CA ARG A 180 23.21 10.59 32.80
C ARG A 180 21.74 10.27 33.09
N HIS A 181 20.80 11.00 32.49
CA HIS A 181 19.36 10.71 32.70
C HIS A 181 18.95 9.25 32.48
N TYR A 182 19.45 8.62 31.41
CA TYR A 182 19.02 7.26 31.06
C TYR A 182 19.79 6.18 31.78
N LEU A 183 21.05 6.44 32.14
CA LEU A 183 21.88 5.46 32.84
C LEU A 183 22.20 5.93 34.25
N GLU A 184 21.22 5.82 35.15
CA GLU A 184 21.39 6.24 36.54
C GLU A 184 21.08 5.11 37.49
N ASP A 185 20.05 4.32 37.20
CA ASP A 185 19.72 3.18 38.04
C ASP A 185 20.48 1.94 37.58
N ALA A 186 21.27 2.08 36.51
CA ALA A 186 22.08 0.96 36.04
C ALA A 186 23.00 0.47 37.16
N PRO A 187 23.11 -0.86 37.36
CA PRO A 187 23.95 -1.40 38.44
C PRO A 187 25.41 -0.99 38.34
N LYS A 188 26.00 -0.60 39.49
CA LYS A 188 27.39 -0.16 39.53
C LYS A 188 28.36 -1.33 39.38
N ASP A 189 27.88 -2.56 39.54
CA ASP A 189 28.69 -3.74 39.26
C ASP A 189 28.54 -4.23 37.80
N LEU A 190 27.98 -3.43 36.90
CA LEU A 190 27.80 -3.86 35.52
C LEU A 190 29.17 -3.82 34.81
N GLU A 191 29.55 -4.91 34.18
CA GLU A 191 30.84 -5.00 33.50
C GLU A 191 30.76 -4.64 32.01
N ALA A 192 29.63 -4.87 31.36
CA ALA A 192 29.53 -4.57 29.95
C ALA A 192 28.15 -4.03 29.64
N LEU A 193 28.10 -3.17 28.62
CA LEU A 193 26.88 -2.60 28.09
C LEU A 193 26.85 -2.79 26.57
N ILE A 194 25.78 -3.39 26.08
CA ILE A 194 25.56 -3.53 24.65
C ILE A 194 25.01 -2.21 24.10
N LEU A 195 25.75 -1.62 23.15
CA LEU A 195 25.26 -0.45 22.42
C LEU A 195 24.33 -0.89 21.29
N GLY A 196 23.09 -1.19 21.70
CA GLY A 196 22.13 -1.86 20.83
C GLY A 196 21.29 -0.98 19.93
N CYS A 197 21.94 -0.02 19.27
CA CYS A 197 21.24 0.87 18.35
C CYS A 197 22.34 1.39 17.41
N THR A 198 22.05 1.45 16.09
CA THR A 198 23.09 1.80 15.13
C THR A 198 23.74 3.13 15.46
N HIS A 199 23.01 4.04 16.10
CA HIS A 199 23.46 5.41 16.28
C HIS A 199 24.39 5.59 17.49
N TYR A 200 24.42 4.65 18.40
CA TYR A 200 25.00 4.90 19.69
C TYR A 200 26.53 4.96 19.68
N PRO A 201 27.21 4.40 18.69
CA PRO A 201 28.67 4.63 18.61
C PRO A 201 29.03 6.10 18.54
N PHE A 202 28.19 6.96 18.00
CA PHE A 202 28.56 8.37 18.06
C PHE A 202 28.51 8.87 19.50
N LEU A 203 27.87 8.13 20.39
CA LEU A 203 27.75 8.62 21.75
C LEU A 203 28.70 7.90 22.68
N LYS A 204 29.71 7.19 22.13
CA LYS A 204 30.68 6.49 22.97
C LYS A 204 31.24 7.46 24.03
N GLY A 205 31.56 8.71 23.63
CA GLY A 205 32.08 9.66 24.59
C GLY A 205 31.19 9.84 25.81
N ALA A 206 29.95 10.26 25.64
CA ALA A 206 29.09 10.46 26.80
C ALA A 206 28.88 9.15 27.52
N ILE A 207 28.65 8.07 26.79
CA ILE A 207 28.34 6.84 27.51
C ILE A 207 29.51 6.37 28.38
N GLY A 208 30.75 6.42 27.87
CA GLY A 208 31.88 6.00 28.70
C GLY A 208 32.11 6.89 29.90
N ALA A 209 31.97 8.21 29.70
CA ALA A 209 32.09 9.16 30.80
C ALA A 209 31.10 8.87 31.93
N VAL A 210 29.83 8.61 31.61
CA VAL A 210 28.83 8.43 32.64
C VAL A 210 28.87 7.03 33.27
N LEU A 211 29.50 6.06 32.59
CA LEU A 211 29.65 4.70 33.11
C LEU A 211 31.10 4.28 33.00
N PRO A 212 32.00 4.93 33.77
CA PRO A 212 33.43 4.57 33.71
C PRO A 212 33.67 3.10 34.10
N GLY A 213 34.68 2.51 33.46
CA GLY A 213 35.08 1.15 33.73
C GLY A 213 34.24 0.06 33.07
N VAL A 214 33.13 0.42 32.42
CA VAL A 214 32.27 -0.53 31.70
C VAL A 214 32.73 -0.67 30.26
N ALA A 215 32.86 -1.93 29.82
CA ALA A 215 33.19 -2.21 28.43
C ALA A 215 31.98 -1.93 27.54
N LEU A 216 32.17 -1.14 26.48
CA LEU A 216 31.11 -0.82 25.54
C LEU A 216 31.17 -1.70 24.29
N LEU A 217 30.14 -2.50 24.11
CA LEU A 217 30.08 -3.40 22.97
C LEU A 217 29.33 -2.76 21.79
N ASP A 218 30.06 -2.55 20.70
CA ASP A 218 29.62 -1.80 19.53
C ASP A 218 29.05 -2.79 18.51
N SER A 219 27.77 -2.61 18.14
CA SER A 219 27.14 -3.56 17.22
C SER A 219 27.84 -3.55 15.87
N ALA A 220 28.23 -2.35 15.40
CA ALA A 220 28.81 -2.21 14.07
C ALA A 220 30.18 -2.89 13.93
N GLU A 221 31.11 -2.67 14.85
CA GLU A 221 32.45 -3.23 14.58
C GLU A 221 32.40 -4.75 14.61
N LEU A 222 31.66 -5.31 15.59
CA LEU A 222 31.55 -6.76 15.76
C LEU A 222 30.83 -7.45 14.59
N THR A 223 29.78 -6.81 14.02
CA THR A 223 29.06 -7.37 12.89
C THR A 223 29.92 -7.44 11.63
N ALA A 224 30.61 -6.34 11.32
CA ALA A 224 31.45 -6.33 10.14
C ALA A 224 32.46 -7.46 10.20
N GLN A 225 33.02 -7.72 11.38
CA GLN A 225 33.99 -8.80 11.50
C GLN A 225 33.37 -10.10 11.10
N GLU A 226 32.18 -10.36 11.64
CA GLU A 226 31.46 -11.58 11.36
C GLU A 226 31.17 -11.68 9.87
N VAL A 227 30.72 -10.57 9.27
CA VAL A 227 30.38 -10.62 7.85
C VAL A 227 31.62 -10.98 7.03
N ALA A 228 32.76 -10.33 7.35
CA ALA A 228 34.01 -10.55 6.61
C ALA A 228 34.53 -11.97 6.79
N ARG A 229 34.46 -12.48 8.03
CA ARG A 229 34.82 -13.86 8.36
C ARG A 229 33.98 -14.85 7.56
N ALA A 230 32.66 -14.70 7.68
CA ALA A 230 31.74 -15.61 7.03
C ALA A 230 31.86 -15.50 5.52
N LEU A 231 32.00 -14.27 5.01
CA LEU A 231 32.03 -14.12 3.57
C LEU A 231 33.28 -14.72 2.96
N GLU A 232 34.43 -14.53 3.60
CA GLU A 232 35.63 -15.17 3.04
C GLU A 232 35.45 -16.68 3.02
N ALA A 233 34.96 -17.24 4.14
CA ALA A 233 34.75 -18.67 4.25
C ALA A 233 33.78 -19.23 3.21
N GLU A 234 32.81 -18.45 2.74
CA GLU A 234 31.91 -19.02 1.75
C GLU A 234 32.50 -18.95 0.35
N GLY A 235 33.70 -18.37 0.24
CA GLY A 235 34.36 -18.06 -1.02
C GLY A 235 33.65 -16.97 -1.79
N LEU A 236 33.02 -16.03 -1.09
CA LEU A 236 32.24 -14.97 -1.71
C LEU A 236 32.91 -13.62 -1.73
N LEU A 237 34.13 -13.48 -1.24
CA LEU A 237 34.69 -12.15 -1.31
C LEU A 237 35.07 -11.86 -2.75
N ASN A 238 35.00 -10.59 -3.08
CA ASN A 238 35.36 -10.11 -4.39
C ASN A 238 36.84 -9.78 -4.33
N PRO A 239 37.70 -10.52 -5.03
CA PRO A 239 39.15 -10.29 -4.90
C PRO A 239 39.69 -9.11 -5.67
N GLU A 240 39.00 -8.70 -6.74
CA GLU A 240 39.43 -7.64 -7.63
C GLU A 240 38.42 -6.51 -7.59
N GLY A 241 38.90 -5.29 -7.79
CA GLY A 241 37.90 -4.26 -7.78
C GLY A 241 38.15 -3.14 -6.81
N ARG A 242 37.47 -2.04 -7.08
CA ARG A 242 37.49 -0.86 -6.24
C ARG A 242 36.07 -0.78 -5.74
N GLY A 243 35.92 -0.68 -4.42
CA GLY A 243 34.61 -0.70 -3.85
C GLY A 243 33.95 0.64 -4.00
N ARG A 244 32.67 0.60 -4.26
CA ARG A 244 31.85 1.78 -4.30
C ARG A 244 30.64 1.45 -3.43
N THR A 245 29.93 2.49 -3.03
CA THR A 245 28.65 2.36 -2.37
C THR A 245 27.63 3.13 -3.20
N PHE A 246 26.47 2.52 -3.41
CA PHE A 246 25.28 3.18 -3.96
C PHE A 246 24.21 3.24 -2.87
N HIS A 247 23.60 4.41 -2.72
CA HIS A 247 22.57 4.66 -1.73
C HIS A 247 21.19 4.67 -2.37
N LEU A 248 20.23 3.97 -1.75
CA LEU A 248 18.84 3.83 -2.20
C LEU A 248 17.96 4.25 -1.04
N VAL A 249 17.15 5.27 -1.22
CA VAL A 249 16.32 5.66 -0.08
C VAL A 249 14.90 5.85 -0.53
N THR A 250 13.97 5.68 0.39
CA THR A 250 12.54 5.79 0.10
C THR A 250 12.00 7.18 0.42
N GLY A 251 12.72 7.97 1.18
CA GLY A 251 12.36 9.36 1.40
C GLY A 251 13.11 10.26 0.41
N ASP A 252 13.20 11.54 0.74
CA ASP A 252 13.90 12.50 -0.12
C ASP A 252 15.40 12.25 -0.14
N PRO A 253 15.98 12.07 -1.34
CA PRO A 253 17.43 11.82 -1.42
C PRO A 253 18.30 12.98 -0.97
N GLU A 254 17.90 14.22 -1.18
CA GLU A 254 18.74 15.32 -0.72
C GLU A 254 18.71 15.47 0.80
N ALA A 255 17.55 15.24 1.41
CA ALA A 255 17.52 15.29 2.86
C ALA A 255 18.40 14.20 3.43
N TYR A 256 18.36 13.02 2.83
CA TYR A 256 19.22 11.93 3.28
C TYR A 256 20.69 12.32 3.14
N ARG A 257 21.09 12.86 1.97
CA ARG A 257 22.49 13.26 1.75
C ARG A 257 22.95 14.29 2.78
N ALA A 258 22.08 15.26 3.14
CA ALA A 258 22.46 16.26 4.13
C ALA A 258 22.71 15.61 5.49
N LEU A 259 21.80 14.72 5.90
CA LEU A 259 21.92 14.02 7.18
C LEU A 259 23.13 13.10 7.21
N ALA A 260 23.44 12.42 6.08
CA ALA A 260 24.64 11.59 6.03
C ALA A 260 25.91 12.46 6.17
N GLU A 261 25.92 13.66 5.56
CA GLU A 261 27.07 14.54 5.75
C GLU A 261 27.23 14.94 7.23
N ARG A 262 26.13 15.25 7.95
CA ARG A 262 26.28 15.55 9.39
C ARG A 262 26.89 14.42 10.18
N LEU A 263 26.67 13.17 9.79
CA LEU A 263 27.26 12.05 10.48
C LEU A 263 28.56 11.55 9.86
N GLY A 264 29.17 12.33 8.97
CA GLY A 264 30.48 11.94 8.47
C GLY A 264 30.54 10.86 7.38
N GLU A 265 29.51 10.72 6.54
CA GLU A 265 29.54 9.81 5.38
C GLU A 265 29.32 10.68 4.14
N ARG A 266 30.12 10.44 3.10
CA ARG A 266 30.08 11.27 1.90
C ARG A 266 29.33 10.44 0.87
N VAL A 267 28.09 10.83 0.61
CA VAL A 267 27.23 10.02 -0.23
C VAL A 267 27.51 10.37 -1.69
N GLU A 268 28.12 9.45 -2.43
CA GLU A 268 28.35 9.69 -3.85
C GLU A 268 27.02 9.51 -4.64
N ALA A 269 26.56 8.30 -4.81
CA ALA A 269 25.40 8.01 -5.65
C ALA A 269 24.18 7.71 -4.77
N VAL A 270 23.10 8.50 -4.89
CA VAL A 270 21.86 8.19 -4.20
C VAL A 270 20.68 8.39 -5.11
N ARG A 271 19.70 7.51 -5.04
CA ARG A 271 18.49 7.69 -5.82
C ARG A 271 17.30 7.21 -4.96
N ARG A 272 16.11 7.73 -5.25
CA ARG A 272 14.91 7.38 -4.50
C ARG A 272 14.18 6.18 -5.12
N VAL A 273 13.84 5.18 -4.30
CA VAL A 273 13.01 4.04 -4.72
C VAL A 273 11.60 4.16 -4.15
N SER A 274 10.60 3.95 -5.02
CA SER A 274 9.22 4.02 -4.60
C SER A 274 8.87 2.80 -3.75
N LEU A 275 8.12 3.05 -2.68
CA LEU A 275 7.52 1.99 -1.89
C LEU A 275 6.65 1.04 -2.72
N GLU A 276 6.17 1.45 -3.90
CA GLU A 276 5.43 0.53 -4.75
C GLU A 276 6.32 -0.46 -5.46
N GLU A 277 7.59 -0.09 -5.72
CA GLU A 277 8.67 -0.99 -6.16
C GLU A 277 8.95 -2.08 -5.13
N LEU A 278 8.36 -1.95 -3.95
CA LEU A 278 8.58 -2.86 -2.86
C LEU A 278 7.37 -3.83 -2.74
N LYS B 23 -26.22 18.98 6.40
CA LYS B 23 -25.93 19.22 7.82
C LYS B 23 -26.77 18.28 8.73
N ASP B 24 -26.15 17.84 9.85
CA ASP B 24 -26.66 17.07 11.00
C ASP B 24 -25.87 17.47 12.22
N PRO B 25 -26.44 18.22 13.15
CA PRO B 25 -25.65 18.66 14.32
C PRO B 25 -25.38 17.59 15.36
N LYS B 26 -26.03 16.42 15.29
CA LYS B 26 -25.66 15.29 16.15
C LYS B 26 -24.35 14.60 15.74
N ALA B 27 -23.87 14.83 14.52
CA ALA B 27 -22.66 14.20 14.04
C ALA B 27 -21.41 14.65 14.81
N PRO B 28 -20.40 13.80 14.89
CA PRO B 28 -19.15 14.15 15.58
C PRO B 28 -18.23 15.04 14.77
N ILE B 29 -17.28 15.63 15.48
CA ILE B 29 -16.20 16.42 14.86
C ILE B 29 -14.92 15.56 14.76
N GLY B 30 -14.35 15.50 13.55
CA GLY B 30 -13.10 14.78 13.36
C GLY B 30 -11.92 15.70 13.63
N VAL B 31 -10.95 15.17 14.34
CA VAL B 31 -9.68 15.83 14.61
C VAL B 31 -8.57 14.83 14.34
N PHE B 32 -7.56 15.23 13.54
CA PHE B 32 -6.51 14.24 13.27
C PHE B 32 -5.12 14.84 13.33
N ASP B 33 -4.17 13.97 13.61
CA ASP B 33 -2.78 14.30 13.86
C ASP B 33 -1.92 13.08 13.56
N SER B 34 -0.59 13.27 13.55
CA SER B 34 0.22 12.07 13.43
C SER B 34 0.17 11.24 14.74
N GLY B 35 -0.25 11.79 15.86
CA GLY B 35 -0.14 11.02 17.08
C GLY B 35 -0.72 11.73 18.27
N VAL B 36 0.05 11.83 19.38
CA VAL B 36 -0.42 12.43 20.64
C VAL B 36 -0.31 13.97 20.65
N GLY B 37 0.50 14.58 19.79
CA GLY B 37 0.60 16.03 19.81
C GLY B 37 -0.75 16.71 19.63
N GLY B 38 -1.59 16.16 18.77
CA GLY B 38 -2.84 16.81 18.49
C GLY B 38 -3.80 16.86 19.66
N LEU B 39 -3.49 16.17 20.76
CA LEU B 39 -4.35 16.27 21.96
C LEU B 39 -4.34 17.67 22.60
N THR B 40 -3.29 18.48 22.40
CA THR B 40 -3.34 19.87 22.87
C THR B 40 -4.48 20.60 22.20
N VAL B 41 -4.65 20.38 20.89
CA VAL B 41 -5.75 20.96 20.13
C VAL B 41 -7.07 20.38 20.59
N LEU B 42 -7.08 19.07 20.86
CA LEU B 42 -8.31 18.44 21.30
C LEU B 42 -8.76 18.99 22.64
N LYS B 43 -7.84 19.12 23.62
CA LYS B 43 -8.25 19.68 24.91
C LYS B 43 -8.83 21.07 24.76
N ALA B 44 -8.17 21.93 23.98
CA ALA B 44 -8.72 23.27 23.79
C ALA B 44 -10.13 23.17 23.18
N LEU B 45 -10.32 22.25 22.24
CA LEU B 45 -11.64 22.01 21.68
C LEU B 45 -12.65 21.57 22.75
N ARG B 46 -12.24 20.64 23.62
CA ARG B 46 -13.13 20.10 24.64
C ARG B 46 -13.73 21.17 25.56
N ARG B 47 -12.92 22.14 25.94
CA ARG B 47 -13.35 23.22 26.82
C ARG B 47 -14.39 24.09 26.15
N LEU B 48 -14.14 24.47 24.91
CA LEU B 48 -15.06 25.35 24.25
C LEU B 48 -16.32 24.62 23.79
N LEU B 49 -16.26 23.30 23.65
CA LEU B 49 -17.36 22.55 23.05
C LEU B 49 -17.59 21.25 23.80
N PRO B 50 -17.92 21.34 25.09
CA PRO B 50 -18.11 20.12 25.88
C PRO B 50 -19.28 19.27 25.43
N ARG B 51 -20.20 19.79 24.63
CA ARG B 51 -21.30 18.91 24.27
C ARG B 51 -20.99 18.11 23.00
N GLU B 52 -19.90 18.43 22.29
CA GLU B 52 -19.64 17.88 20.98
C GLU B 52 -19.07 16.48 21.10
N GLU B 53 -19.48 15.58 20.21
CA GLU B 53 -18.80 14.30 20.13
C GLU B 53 -17.60 14.39 19.15
N PHE B 54 -16.43 13.91 19.59
CA PHE B 54 -15.19 13.97 18.79
C PHE B 54 -14.60 12.63 18.40
N LEU B 55 -14.12 12.54 17.14
CA LEU B 55 -13.26 11.43 16.73
C LEU B 55 -11.82 11.91 16.55
N TYR B 56 -10.93 11.44 17.38
CA TYR B 56 -9.54 11.84 17.29
C TYR B 56 -8.79 10.77 16.52
N PHE B 57 -8.15 11.13 15.43
CA PHE B 57 -7.52 10.12 14.60
C PHE B 57 -6.02 10.37 14.75
N GLY B 58 -5.28 9.41 15.29
CA GLY B 58 -3.87 9.63 15.48
C GLY B 58 -3.08 8.69 14.60
N ASP B 59 -2.35 9.17 13.61
CA ASP B 59 -1.74 8.26 12.65
C ASP B 59 -0.41 7.65 13.15
N THR B 60 -0.49 6.96 14.29
CA THR B 60 0.77 6.57 14.97
C THR B 60 1.53 5.50 14.23
N ALA B 61 0.92 4.80 13.29
CA ALA B 61 1.72 3.90 12.46
C ALA B 61 2.71 4.66 11.57
N ARG B 62 2.45 5.93 11.25
CA ARG B 62 3.30 6.66 10.33
C ARG B 62 3.89 7.92 10.98
N VAL B 63 3.80 8.04 12.29
CA VAL B 63 4.40 9.19 12.98
C VAL B 63 5.91 9.05 12.87
N PRO B 64 6.70 10.14 12.73
CA PRO B 64 6.31 11.55 12.62
C PRO B 64 6.23 12.05 11.16
N TYR B 65 5.49 13.15 10.96
CA TYR B 65 5.35 13.78 9.65
C TYR B 65 6.52 14.74 9.33
N GLY B 66 7.18 15.28 10.34
CA GLY B 66 8.11 16.37 10.15
C GLY B 66 9.30 16.08 9.24
N GLY B 67 9.71 14.83 9.13
CA GLY B 67 10.79 14.47 8.22
C GLY B 67 10.41 13.89 6.89
N LYS B 68 9.18 13.88 6.58
CA LYS B 68 8.73 13.23 5.36
C LYS B 68 8.51 14.27 4.24
N PRO B 69 8.48 13.85 2.98
CA PRO B 69 8.09 14.79 1.93
C PRO B 69 6.69 15.34 2.10
N LEU B 70 6.60 16.63 1.87
CA LEU B 70 5.35 17.32 2.02
C LEU B 70 4.27 16.65 1.15
N ALA B 71 4.62 16.14 -0.06
CA ALA B 71 3.57 15.50 -0.85
C ALA B 71 3.08 14.19 -0.26
N MET B 72 3.96 13.48 0.45
CA MET B 72 3.56 12.25 1.11
C MET B 72 2.58 12.57 2.23
N VAL B 73 2.86 13.60 3.02
CA VAL B 73 1.93 14.01 4.06
C VAL B 73 0.60 14.39 3.46
N ARG B 74 0.61 15.01 2.28
CA ARG B 74 -0.62 15.50 1.68
C ARG B 74 -1.55 14.35 1.35
N ARG B 75 -0.98 13.23 0.91
CA ARG B 75 -1.73 12.00 0.69
C ARG B 75 -2.24 11.45 2.00
N PHE B 76 -1.42 11.52 3.05
CA PHE B 76 -1.93 11.12 4.35
C PHE B 76 -3.18 11.89 4.71
N ALA B 77 -3.15 13.21 4.57
CA ALA B 77 -4.29 14.02 4.94
C ALA B 77 -5.52 13.64 4.14
N TRP B 78 -5.35 13.35 2.85
CA TRP B 78 -6.49 13.00 2.03
C TRP B 78 -7.13 11.67 2.49
N GLU B 79 -6.27 10.68 2.68
CA GLU B 79 -6.61 9.34 3.12
C GLU B 79 -7.45 9.39 4.36
N ILE B 80 -6.96 10.13 5.37
CA ILE B 80 -7.61 10.24 6.68
C ILE B 80 -8.88 11.08 6.59
N ALA B 81 -8.84 12.14 5.82
CA ALA B 81 -10.05 12.92 5.63
C ALA B 81 -11.13 12.03 5.04
N GLY B 82 -10.79 11.22 4.04
CA GLY B 82 -11.79 10.32 3.50
C GLY B 82 -12.30 9.34 4.56
N PHE B 83 -11.40 8.84 5.39
CA PHE B 83 -11.81 7.93 6.45
C PHE B 83 -12.78 8.62 7.42
N LEU B 84 -12.48 9.87 7.84
CA LEU B 84 -13.37 10.50 8.78
C LEU B 84 -14.72 10.74 8.14
N LEU B 85 -14.74 11.07 6.84
CA LEU B 85 -16.04 11.28 6.20
C LEU B 85 -16.88 9.99 6.21
N ARG B 86 -16.24 8.85 6.06
CA ARG B 86 -16.97 7.59 6.14
C ARG B 86 -17.49 7.29 7.53
N GLN B 87 -16.93 7.87 8.60
CA GLN B 87 -17.50 7.78 9.94
C GLN B 87 -18.60 8.82 10.16
N GLY B 88 -18.83 9.70 9.19
CA GLY B 88 -19.93 10.63 9.26
C GLY B 88 -19.69 11.96 9.92
N VAL B 89 -18.42 12.40 10.02
CA VAL B 89 -18.13 13.65 10.73
C VAL B 89 -18.77 14.82 10.00
N LYS B 90 -19.10 15.88 10.76
CA LYS B 90 -19.66 17.08 10.16
C LYS B 90 -18.64 18.18 9.94
N ALA B 91 -17.41 18.04 10.43
CA ALA B 91 -16.34 19.04 10.25
C ALA B 91 -15.02 18.36 10.59
N ILE B 92 -13.92 18.84 10.01
CA ILE B 92 -12.62 18.23 10.22
C ILE B 92 -11.64 19.29 10.68
N VAL B 93 -10.93 19.00 11.77
CA VAL B 93 -9.86 19.86 12.28
C VAL B 93 -8.56 19.13 12.05
N VAL B 94 -7.65 19.75 11.28
CA VAL B 94 -6.31 19.22 11.02
C VAL B 94 -5.44 19.71 12.17
N ALA B 95 -5.21 18.88 13.20
CA ALA B 95 -4.48 19.42 14.36
C ALA B 95 -2.97 19.49 14.17
N CYS B 96 -2.39 18.73 13.28
CA CYS B 96 -0.96 18.74 13.02
C CYS B 96 -0.56 19.95 12.23
N ASN B 97 0.50 20.65 12.69
CA ASN B 97 0.99 21.81 11.92
C ASN B 97 1.67 21.36 10.65
N THR B 98 2.37 20.23 10.68
CA THR B 98 3.04 19.77 9.48
C THR B 98 2.00 19.46 8.40
N ALA B 99 0.95 18.70 8.78
CA ALA B 99 -0.15 18.32 7.85
C ALA B 99 -0.99 19.52 7.39
N SER B 100 -1.22 20.55 8.25
CA SER B 100 -1.84 21.77 7.73
C SER B 100 -0.97 22.39 6.64
N SER B 101 0.33 22.44 6.89
CA SER B 101 1.23 23.02 5.90
C SER B 101 1.13 22.27 4.59
N ALA B 102 0.96 20.94 4.65
CA ALA B 102 0.96 20.10 3.44
C ALA B 102 -0.35 20.17 2.68
N ALA B 103 -1.46 20.29 3.38
CA ALA B 103 -2.80 20.02 2.87
C ALA B 103 -3.71 21.23 2.79
N LEU B 104 -3.43 22.33 3.58
CA LEU B 104 -4.31 23.48 3.53
C LEU B 104 -3.67 24.62 2.77
N PRO B 105 -4.48 25.47 2.13
CA PRO B 105 -5.96 25.47 2.19
C PRO B 105 -6.67 24.49 1.19
N ASP B 106 -5.92 23.75 0.38
CA ASP B 106 -6.58 22.96 -0.68
C ASP B 106 -7.61 21.99 -0.11
N LEU B 107 -7.28 21.33 0.99
CA LEU B 107 -8.24 20.39 1.57
C LEU B 107 -9.52 21.08 1.95
N ALA B 108 -9.45 22.31 2.36
CA ALA B 108 -10.65 22.99 2.71
C ALA B 108 -11.38 23.43 1.49
N GLU B 109 -10.63 23.73 0.43
CA GLU B 109 -11.22 24.16 -0.82
C GLU B 109 -11.89 23.02 -1.55
N ASP B 110 -11.38 21.80 -1.34
CA ASP B 110 -11.93 20.64 -1.97
C ASP B 110 -13.05 19.87 -1.32
N LEU B 111 -13.30 20.05 -0.03
CA LEU B 111 -14.32 19.33 0.72
C LEU B 111 -15.56 20.15 1.04
N SER B 112 -16.69 19.48 1.11
CA SER B 112 -17.93 20.16 1.48
C SER B 112 -17.99 20.53 2.96
N VAL B 113 -17.61 19.63 3.87
CA VAL B 113 -17.64 19.97 5.31
C VAL B 113 -16.63 21.09 5.62
N PRO B 114 -16.88 21.88 6.64
CA PRO B 114 -15.88 22.87 7.09
C PRO B 114 -14.58 22.17 7.44
N VAL B 115 -13.46 22.70 6.97
CA VAL B 115 -12.15 22.18 7.32
C VAL B 115 -11.34 23.29 7.97
N PHE B 116 -10.71 23.01 9.12
CA PHE B 116 -9.92 24.00 9.87
C PHE B 116 -8.49 23.50 10.08
N GLY B 117 -7.53 24.44 10.08
CA GLY B 117 -6.15 24.10 10.36
C GLY B 117 -5.56 24.93 11.49
N VAL B 118 -4.30 24.64 11.78
CA VAL B 118 -3.58 25.24 12.89
C VAL B 118 -2.53 26.24 12.43
N VAL B 119 -2.43 26.48 11.14
CA VAL B 119 -1.53 27.47 10.57
C VAL B 119 -2.21 28.82 10.47
N GLU B 120 -3.38 28.89 9.84
CA GLU B 120 -3.96 30.20 9.54
C GLU B 120 -4.32 30.97 10.81
N PRO B 121 -4.96 30.39 11.82
CA PRO B 121 -5.37 31.21 12.97
C PRO B 121 -4.23 31.83 13.75
N ALA B 122 -3.15 31.11 13.96
CA ALA B 122 -2.03 31.72 14.66
C ALA B 122 -1.38 32.80 13.83
N ALA B 123 -1.30 32.59 12.50
CA ALA B 123 -0.75 33.63 11.63
C ALA B 123 -1.63 34.88 11.60
N ARG B 124 -2.96 34.72 11.66
CA ARG B 124 -3.84 35.88 11.72
C ARG B 124 -3.52 36.73 12.95
N ALA B 125 -3.46 36.10 14.12
CA ALA B 125 -3.16 36.85 15.34
C ALA B 125 -1.78 37.47 15.28
N ALA B 126 -0.84 36.79 14.60
CA ALA B 126 0.53 37.26 14.55
C ALA B 126 0.69 38.53 13.75
N ARG B 127 -0.32 38.94 13.00
CA ARG B 127 -0.22 40.13 12.18
C ARG B 127 -0.44 41.40 12.98
N GLY B 128 -0.63 41.31 14.29
CA GLY B 128 -0.75 42.47 15.15
C GLY B 128 0.53 42.67 15.92
N PHE B 129 1.65 42.23 15.32
CA PHE B 129 2.99 42.34 15.86
C PHE B 129 3.90 42.79 14.73
N ARG B 130 5.01 43.46 15.10
CA ARG B 130 5.89 44.02 14.08
C ARG B 130 6.82 42.96 13.49
N LYS B 131 7.62 42.29 14.32
CA LYS B 131 8.59 41.32 13.85
C LYS B 131 8.25 39.97 14.51
N VAL B 132 7.94 38.94 13.67
CA VAL B 132 7.39 37.65 14.12
C VAL B 132 8.27 36.50 13.66
N GLY B 133 8.50 35.55 14.56
CA GLY B 133 9.23 34.34 14.26
C GLY B 133 8.41 33.05 14.32
N LEU B 134 9.00 32.02 13.74
CA LEU B 134 8.30 30.74 13.68
C LEU B 134 9.27 29.62 14.05
N ILE B 135 8.80 28.72 14.91
CA ILE B 135 9.47 27.43 15.08
C ILE B 135 8.46 26.29 14.83
N GLY B 136 8.99 25.16 14.39
CA GLY B 136 8.19 24.02 14.03
C GLY B 136 9.06 22.90 13.51
N THR B 137 8.42 21.90 12.93
CA THR B 137 9.15 20.77 12.38
C THR B 137 9.91 21.20 11.13
N GLN B 138 10.84 20.34 10.72
CA GLN B 138 11.55 20.52 9.46
C GLN B 138 10.58 20.70 8.28
N ALA B 139 9.61 19.82 8.14
CA ALA B 139 8.67 19.97 7.02
C ALA B 139 7.90 21.30 7.09
N THR B 140 7.39 21.65 8.26
CA THR B 140 6.58 22.87 8.38
C THR B 140 7.36 24.12 7.95
N VAL B 141 8.60 24.25 8.44
CA VAL B 141 9.38 25.43 8.10
C VAL B 141 9.71 25.46 6.60
N GLU B 142 10.09 24.31 6.02
CA GLU B 142 10.38 24.33 4.58
C GLU B 142 9.13 24.61 3.76
N SER B 143 7.93 24.32 4.25
CA SER B 143 6.80 24.37 3.34
C SER B 143 6.54 25.81 2.87
N GLY B 144 6.94 26.80 3.68
CA GLY B 144 6.47 28.09 3.30
C GLY B 144 4.99 28.24 3.52
N ALA B 145 4.39 27.34 4.30
CA ALA B 145 2.99 27.47 4.57
C ALA B 145 2.72 28.77 5.30
N TYR B 146 3.55 29.06 6.35
CA TYR B 146 3.32 30.22 7.19
C TYR B 146 3.59 31.53 6.43
N PRO B 147 4.67 31.66 5.64
CA PRO B 147 4.92 32.94 4.89
C PRO B 147 3.77 33.34 3.98
N ARG B 148 2.90 32.39 3.67
CA ARG B 148 1.75 32.64 2.81
C ARG B 148 0.66 33.45 3.52
N TYR B 149 0.74 33.52 4.86
CA TYR B 149 -0.24 34.26 5.64
C TYR B 149 0.30 35.44 6.45
N VAL B 150 1.60 35.48 6.75
CA VAL B 150 2.17 36.50 7.63
C VAL B 150 3.64 36.66 7.27
N ASP B 151 4.14 37.89 7.30
CA ASP B 151 5.55 38.10 6.95
C ASP B 151 6.40 37.71 8.13
N LEU B 152 7.40 36.87 7.89
CA LEU B 152 8.23 36.37 8.97
C LEU B 152 9.66 36.86 8.98
N ALA B 153 10.10 37.24 10.18
CA ALA B 153 11.47 37.70 10.39
C ALA B 153 12.46 36.55 10.61
N TRP B 154 11.99 35.38 11.09
CA TRP B 154 12.89 34.28 11.47
C TRP B 154 12.11 32.97 11.58
N ALA B 155 12.74 31.88 11.14
CA ALA B 155 12.18 30.54 11.24
C ALA B 155 13.30 29.53 11.51
N LYS B 156 13.05 28.61 12.44
CA LYS B 156 14.07 27.63 12.80
C LYS B 156 13.39 26.29 13.03
N ALA B 157 13.88 25.25 12.37
CA ALA B 157 13.44 23.90 12.72
C ALA B 157 14.03 23.47 14.07
N CYS B 158 13.18 22.83 14.91
CA CYS B 158 13.55 22.44 16.27
C CYS B 158 13.28 20.98 16.48
N PRO B 159 13.99 20.13 15.73
CA PRO B 159 13.60 18.70 15.69
C PRO B 159 13.56 18.03 17.07
N LEU B 160 14.48 18.38 17.98
CA LEU B 160 14.54 17.75 19.28
C LEU B 160 13.39 18.14 20.17
N PHE B 161 12.67 19.19 19.85
CA PHE B 161 11.61 19.56 20.74
C PHE B 161 10.49 18.57 20.84
N VAL B 162 10.29 17.77 19.83
CA VAL B 162 9.17 16.86 19.89
C VAL B 162 9.43 15.70 20.77
N PRO B 163 10.59 15.17 20.70
CA PRO B 163 10.94 14.06 21.53
C PRO B 163 11.10 14.46 22.96
N LEU B 164 11.48 15.67 23.25
CA LEU B 164 11.61 16.07 24.60
C LEU B 164 10.25 16.04 25.20
N VAL B 165 9.25 16.50 24.50
CA VAL B 165 7.94 16.46 25.09
C VAL B 165 7.48 15.02 25.32
N GLU B 166 7.68 14.16 24.34
CA GLU B 166 7.17 12.83 24.52
C GLU B 166 7.95 12.06 25.59
N GLU B 167 9.20 12.42 25.81
CA GLU B 167 9.88 11.76 26.89
C GLU B 167 9.51 12.36 28.22
N GLY B 168 8.70 13.41 28.26
CA GLY B 168 8.30 13.97 29.55
C GLY B 168 9.33 14.89 30.21
N LEU B 169 10.20 15.53 29.45
CA LEU B 169 11.30 16.30 29.98
C LEU B 169 11.08 17.81 29.88
N TRP B 170 9.85 18.30 29.77
CA TRP B 170 9.70 19.71 29.42
C TRP B 170 10.10 20.66 30.52
N ASP B 171 10.02 20.22 31.78
CA ASP B 171 10.33 21.03 32.95
C ASP B 171 11.76 20.78 33.37
N ASP B 172 12.45 19.95 32.67
CA ASP B 172 13.76 19.53 33.11
C ASP B 172 14.80 20.47 32.55
N PRO B 173 15.95 20.55 33.18
CA PRO B 173 17.01 21.41 32.65
C PRO B 173 17.44 21.08 31.22
N VAL B 174 17.53 19.81 30.84
CA VAL B 174 18.01 19.54 29.49
C VAL B 174 17.09 20.18 28.47
N ALA B 175 15.79 20.29 28.76
CA ALA B 175 14.94 20.98 27.81
C ALA B 175 15.39 22.43 27.62
N LEU B 176 15.67 23.08 28.74
CA LEU B 176 16.13 24.47 28.75
C LEU B 176 17.41 24.67 27.95
N LEU B 177 18.35 23.72 28.02
CA LEU B 177 19.59 23.91 27.28
C LEU B 177 19.32 23.72 25.81
N VAL B 178 18.45 22.74 25.48
CA VAL B 178 18.03 22.50 24.09
C VAL B 178 17.23 23.69 23.53
N ALA B 179 16.33 24.28 24.32
CA ALA B 179 15.71 25.51 23.83
C ALA B 179 16.75 26.57 23.51
N ARG B 180 17.78 26.71 24.33
CA ARG B 180 18.76 27.75 24.01
C ARG B 180 19.51 27.39 22.73
N HIS B 181 19.89 26.12 22.56
CA HIS B 181 20.62 25.72 21.37
C HIS B 181 19.89 26.11 20.08
N TYR B 182 18.54 26.04 20.06
CA TYR B 182 17.78 26.33 18.84
C TYR B 182 17.49 27.81 18.69
N LEU B 183 17.31 28.50 19.81
CA LEU B 183 16.86 29.88 19.80
C LEU B 183 17.98 30.93 19.97
N GLU B 184 19.27 30.52 20.15
CA GLU B 184 20.33 31.52 20.40
C GLU B 184 20.27 32.64 19.36
N ASP B 185 20.55 32.33 18.09
CA ASP B 185 20.61 33.32 17.01
C ASP B 185 19.24 33.81 16.52
N ALA B 186 18.25 33.98 17.40
CA ALA B 186 17.00 34.62 17.00
C ALA B 186 17.06 36.12 17.23
N PRO B 187 16.47 36.91 16.32
CA PRO B 187 16.55 38.38 16.45
C PRO B 187 16.08 38.90 17.81
N LYS B 188 16.93 39.77 18.39
CA LYS B 188 16.68 40.33 19.73
C LYS B 188 15.42 41.18 19.77
N ASP B 189 15.01 41.73 18.61
CA ASP B 189 13.82 42.58 18.54
C ASP B 189 12.53 41.83 18.12
N LEU B 190 12.51 40.50 18.20
CA LEU B 190 11.27 39.79 17.92
C LEU B 190 10.25 40.12 19.02
N GLU B 191 8.99 40.30 18.60
CA GLU B 191 7.88 40.53 19.53
C GLU B 191 7.00 39.30 19.72
N ALA B 192 6.94 38.39 18.74
CA ALA B 192 6.09 37.21 18.87
C ALA B 192 6.78 36.05 18.18
N LEU B 193 6.49 34.85 18.68
CA LEU B 193 6.99 33.59 18.16
C LEU B 193 5.84 32.62 17.95
N ILE B 194 5.72 32.12 16.72
CA ILE B 194 4.68 31.15 16.46
C ILE B 194 5.16 29.77 16.90
N LEU B 195 4.39 29.16 17.82
CA LEU B 195 4.63 27.78 18.26
C LEU B 195 3.96 26.82 17.23
N GLY B 196 4.64 26.67 16.10
CA GLY B 196 4.04 25.98 14.99
C GLY B 196 4.21 24.47 15.03
N CYS B 197 3.88 23.88 16.18
CA CYS B 197 3.97 22.43 16.29
C CYS B 197 3.10 22.06 17.47
N THR B 198 2.33 20.96 17.33
CA THR B 198 1.36 20.60 18.36
C THR B 198 2.00 20.41 19.73
N HIS B 199 3.25 19.99 19.76
CA HIS B 199 3.85 19.61 21.01
C HIS B 199 4.39 20.80 21.80
N TYR B 200 4.56 21.98 21.17
CA TYR B 200 5.35 23.09 21.70
C TYR B 200 4.62 23.81 22.83
N PRO B 201 3.30 23.74 22.95
CA PRO B 201 2.69 24.31 24.17
C PRO B 201 3.27 23.69 25.45
N PHE B 202 3.75 22.44 25.42
CA PHE B 202 4.33 21.88 26.63
C PHE B 202 5.65 22.56 26.98
N LEU B 203 6.26 23.27 26.04
CA LEU B 203 7.59 23.80 26.30
C LEU B 203 7.57 25.32 26.55
N LYS B 204 6.39 25.90 26.86
CA LYS B 204 6.31 27.35 27.12
C LYS B 204 7.30 27.80 28.20
N GLY B 205 7.45 26.98 29.26
CA GLY B 205 8.37 27.39 30.25
C GLY B 205 9.77 27.58 29.72
N ALA B 206 10.29 26.56 29.09
CA ALA B 206 11.65 26.63 28.63
C ALA B 206 11.81 27.67 27.52
N ILE B 207 10.79 27.80 26.65
CA ILE B 207 10.90 28.79 25.56
C ILE B 207 10.92 30.21 26.11
N GLY B 208 10.06 30.56 27.07
CA GLY B 208 10.06 31.96 27.53
C GLY B 208 11.35 32.33 28.26
N ALA B 209 11.93 31.37 28.98
CA ALA B 209 13.20 31.55 29.65
C ALA B 209 14.33 31.88 28.66
N VAL B 210 14.32 31.29 27.49
CA VAL B 210 15.37 31.63 26.53
C VAL B 210 15.00 32.90 25.72
N LEU B 211 13.70 33.23 25.63
CA LEU B 211 13.16 34.34 24.83
C LEU B 211 12.20 35.18 25.68
N PRO B 212 12.69 35.86 26.72
CA PRO B 212 11.80 36.65 27.59
C PRO B 212 11.07 37.80 26.86
N GLY B 213 9.85 38.08 27.29
CA GLY B 213 9.16 39.23 26.74
C GLY B 213 8.59 39.04 25.34
N VAL B 214 8.80 37.89 24.71
CA VAL B 214 8.31 37.59 23.36
C VAL B 214 6.96 36.91 23.50
N ALA B 215 5.95 37.38 22.76
CA ALA B 215 4.65 36.72 22.85
C ALA B 215 4.70 35.35 22.16
N LEU B 216 4.20 34.35 22.86
CA LEU B 216 4.17 33.00 22.37
C LEU B 216 2.76 32.72 21.90
N LEU B 217 2.64 32.44 20.59
CA LEU B 217 1.36 32.22 19.94
C LEU B 217 1.09 30.72 19.88
N ASP B 218 0.03 30.31 20.55
CA ASP B 218 -0.32 28.90 20.75
C ASP B 218 -1.32 28.49 19.66
N SER B 219 -0.90 27.53 18.83
CA SER B 219 -1.70 27.10 17.70
C SER B 219 -3.06 26.55 18.16
N ALA B 220 -3.05 25.72 19.22
CA ALA B 220 -4.26 25.02 19.68
C ALA B 220 -5.33 25.95 20.26
N GLU B 221 -4.95 26.95 21.04
CA GLU B 221 -6.00 27.71 21.69
C GLU B 221 -6.75 28.55 20.66
N LEU B 222 -6.01 29.15 19.72
CA LEU B 222 -6.61 30.00 18.70
C LEU B 222 -7.50 29.24 17.71
N THR B 223 -7.14 28.01 17.39
CA THR B 223 -7.90 27.24 16.41
C THR B 223 -9.25 26.81 16.97
N ALA B 224 -9.29 26.34 18.22
CA ALA B 224 -10.56 25.91 18.78
C ALA B 224 -11.56 27.06 18.80
N GLN B 225 -11.10 28.28 19.03
CA GLN B 225 -12.02 29.39 19.01
C GLN B 225 -12.60 29.55 17.63
N GLU B 226 -11.70 29.56 16.64
CA GLU B 226 -12.13 29.65 15.26
C GLU B 226 -13.09 28.51 14.91
N VAL B 227 -12.78 27.29 15.33
CA VAL B 227 -13.71 26.18 15.07
C VAL B 227 -15.05 26.46 15.70
N ALA B 228 -15.04 26.88 16.96
CA ALA B 228 -16.26 27.19 17.69
C ALA B 228 -17.03 28.36 17.07
N ARG B 229 -16.33 29.45 16.75
CA ARG B 229 -16.98 30.58 16.09
C ARG B 229 -17.61 30.12 14.77
N ALA B 230 -16.83 29.42 13.96
CA ALA B 230 -17.30 29.06 12.63
C ALA B 230 -18.43 28.03 12.73
N LEU B 231 -18.30 27.05 13.64
CA LEU B 231 -19.35 26.05 13.72
C LEU B 231 -20.62 26.63 14.32
N GLU B 232 -20.49 27.57 15.25
CA GLU B 232 -21.67 28.24 15.80
C GLU B 232 -22.41 28.93 14.67
N ALA B 233 -21.66 29.67 13.86
CA ALA B 233 -22.22 30.42 12.74
C ALA B 233 -22.91 29.55 11.68
N GLU B 234 -22.48 28.31 11.48
CA GLU B 234 -23.11 27.47 10.46
C GLU B 234 -24.32 26.72 10.99
N GLY B 235 -24.64 26.88 12.27
CA GLY B 235 -25.70 26.13 12.92
C GLY B 235 -25.41 24.66 13.11
N LEU B 236 -24.14 24.31 13.25
CA LEU B 236 -23.74 22.91 13.37
C LEU B 236 -23.43 22.50 14.78
N LEU B 237 -23.43 23.45 15.73
CA LEU B 237 -23.14 23.13 17.12
C LEU B 237 -24.19 22.18 17.67
N ASN B 238 -23.78 21.21 18.49
CA ASN B 238 -24.74 20.29 19.02
C ASN B 238 -25.37 20.96 20.23
N PRO B 239 -26.67 20.78 20.50
CA PRO B 239 -27.22 21.45 21.69
C PRO B 239 -27.57 20.60 22.90
N GLU B 240 -27.63 19.29 22.75
CA GLU B 240 -27.98 18.45 23.88
C GLU B 240 -26.94 17.35 23.92
N GLY B 241 -26.66 16.83 25.12
CA GLY B 241 -25.72 15.75 25.05
C GLY B 241 -24.45 15.94 25.84
N ARG B 242 -23.90 14.83 26.28
CA ARG B 242 -22.65 14.82 27.02
C ARG B 242 -21.69 14.37 25.93
N GLY B 243 -20.57 15.06 25.79
CA GLY B 243 -19.66 14.73 24.73
C GLY B 243 -18.59 13.78 25.23
N ARG B 244 -18.29 12.79 24.40
CA ARG B 244 -17.18 11.89 24.60
C ARG B 244 -16.22 12.08 23.43
N THR B 245 -15.06 11.45 23.56
CA THR B 245 -14.06 11.33 22.50
C THR B 245 -13.79 9.86 22.23
N PHE B 246 -13.75 9.47 20.95
CA PHE B 246 -13.29 8.14 20.57
C PHE B 246 -11.96 8.33 19.83
N HIS B 247 -10.96 7.52 20.18
CA HIS B 247 -9.62 7.56 19.61
C HIS B 247 -9.43 6.43 18.60
N LEU B 248 -8.94 6.78 17.41
CA LEU B 248 -8.65 5.83 16.34
C LEU B 248 -7.19 5.93 15.99
N VAL B 249 -6.46 4.85 15.99
CA VAL B 249 -5.03 5.02 15.72
C VAL B 249 -4.53 3.95 14.77
N THR B 250 -3.50 4.28 13.99
CA THR B 250 -3.01 3.30 13.06
C THR B 250 -1.93 2.41 13.62
N GLY B 251 -1.31 2.77 14.76
CA GLY B 251 -0.28 1.94 15.43
C GLY B 251 -0.85 1.17 16.61
N ASP B 252 0.01 0.77 17.53
CA ASP B 252 -0.44 0.02 18.71
C ASP B 252 -1.25 0.91 19.66
N PRO B 253 -2.52 0.54 19.93
CA PRO B 253 -3.37 1.35 20.81
C PRO B 253 -2.85 1.49 22.23
N GLU B 254 -2.28 0.44 22.82
CA GLU B 254 -1.85 0.56 24.21
C GLU B 254 -0.68 1.53 24.32
N ALA B 255 0.22 1.48 23.33
CA ALA B 255 1.28 2.44 23.30
C ALA B 255 0.70 3.83 23.23
N TYR B 256 -0.30 4.01 22.41
CA TYR B 256 -0.87 5.33 22.31
C TYR B 256 -1.46 5.71 23.63
N ARG B 257 -2.18 4.79 24.26
CA ARG B 257 -2.81 5.10 25.54
C ARG B 257 -1.78 5.56 26.57
N ALA B 258 -0.65 4.85 26.63
CA ALA B 258 0.39 5.21 27.61
C ALA B 258 1.05 6.54 27.27
N LEU B 259 1.30 6.79 25.98
CA LEU B 259 1.89 8.07 25.59
C LEU B 259 0.93 9.24 25.83
N ALA B 260 -0.36 9.06 25.51
CA ALA B 260 -1.30 10.13 25.79
C ALA B 260 -1.37 10.48 27.29
N GLU B 261 -1.36 9.45 28.17
CA GLU B 261 -1.46 9.74 29.61
C GLU B 261 -0.26 10.54 30.10
N ARG B 262 0.93 10.21 29.60
CA ARG B 262 2.10 10.97 30.03
C ARG B 262 1.97 12.46 29.71
N LEU B 263 1.13 12.86 28.74
CA LEU B 263 0.90 14.27 28.44
C LEU B 263 -0.46 14.74 28.96
N GLY B 264 -1.03 14.01 29.91
CA GLY B 264 -2.26 14.44 30.53
C GLY B 264 -3.59 14.19 29.86
N GLU B 265 -3.70 13.17 29.01
CA GLU B 265 -5.01 12.87 28.43
C GLU B 265 -5.38 11.46 28.84
N ARG B 266 -6.63 11.30 29.27
CA ARG B 266 -7.13 10.01 29.69
C ARG B 266 -7.94 9.51 28.52
N VAL B 267 -7.48 8.42 27.96
CA VAL B 267 -8.09 7.86 26.79
C VAL B 267 -9.02 6.76 27.28
N GLU B 268 -10.25 6.79 26.81
CA GLU B 268 -11.17 5.75 27.22
C GLU B 268 -11.42 4.83 26.02
N ALA B 269 -11.95 5.32 24.93
CA ALA B 269 -12.23 4.48 23.75
C ALA B 269 -11.08 4.60 22.71
N VAL B 270 -10.23 3.57 22.55
CA VAL B 270 -9.24 3.58 21.48
C VAL B 270 -9.26 2.23 20.76
N ARG B 271 -9.39 2.27 19.45
CA ARG B 271 -9.37 1.11 18.57
C ARG B 271 -8.33 1.33 17.48
N ARG B 272 -7.67 0.25 17.03
CA ARG B 272 -6.72 0.34 15.94
C ARG B 272 -7.40 0.25 14.57
N VAL B 273 -7.17 1.23 13.73
CA VAL B 273 -7.70 1.29 12.39
C VAL B 273 -6.60 0.87 11.41
N SER B 274 -6.91 -0.12 10.55
CA SER B 274 -5.92 -0.59 9.59
C SER B 274 -5.67 0.41 8.47
N LEU B 275 -4.39 0.57 8.14
CA LEU B 275 -4.00 1.34 6.98
C LEU B 275 -4.69 0.91 5.68
N GLU B 276 -5.20 -0.33 5.58
CA GLU B 276 -5.96 -0.70 4.36
C GLU B 276 -7.37 -0.13 4.35
N GLU B 277 -7.92 0.30 5.49
CA GLU B 277 -9.21 1.00 5.52
C GLU B 277 -9.07 2.42 4.98
N LEU B 278 -7.84 2.82 4.72
CA LEU B 278 -7.52 4.17 4.29
C LEU B 278 -7.40 4.35 2.74
N LYS C 23 -13.92 29.10 -9.58
CA LYS C 23 -14.52 28.50 -10.77
C LYS C 23 -13.80 29.01 -12.03
N ASP C 24 -13.03 28.13 -12.70
CA ASP C 24 -12.21 28.45 -13.87
C ASP C 24 -12.67 27.57 -15.01
N PRO C 25 -13.41 28.11 -15.98
CA PRO C 25 -13.87 27.24 -17.08
C PRO C 25 -12.74 26.82 -18.00
N LYS C 26 -11.54 27.36 -17.85
CA LYS C 26 -10.49 26.81 -18.69
C LYS C 26 -10.00 25.45 -18.16
N ALA C 27 -10.31 25.10 -16.90
CA ALA C 27 -9.78 23.89 -16.28
C ALA C 27 -10.46 22.63 -16.82
N PRO C 28 -9.76 21.49 -16.76
CA PRO C 28 -10.25 20.24 -17.32
C PRO C 28 -11.34 19.57 -16.49
N ILE C 29 -12.03 18.61 -17.17
CA ILE C 29 -12.99 17.69 -16.57
C ILE C 29 -12.36 16.33 -16.35
N GLY C 30 -12.46 15.81 -15.12
CA GLY C 30 -11.96 14.48 -14.81
C GLY C 30 -12.99 13.41 -15.13
N VAL C 31 -12.50 12.34 -15.74
CA VAL C 31 -13.28 11.13 -16.03
C VAL C 31 -12.48 9.92 -15.61
N PHE C 32 -13.06 9.02 -14.81
CA PHE C 32 -12.26 7.86 -14.41
C PHE C 32 -13.00 6.51 -14.45
N ASP C 33 -12.22 5.46 -14.63
CA ASP C 33 -12.79 4.15 -14.82
C ASP C 33 -11.78 3.14 -14.37
N SER C 34 -12.19 1.89 -14.33
CA SER C 34 -11.19 0.90 -14.02
C SER C 34 -10.27 0.69 -15.19
N GLY C 35 -10.71 1.04 -16.39
CA GLY C 35 -9.93 0.77 -17.60
C GLY C 35 -10.44 1.37 -18.88
N VAL C 36 -10.55 0.55 -19.93
CA VAL C 36 -10.98 1.08 -21.24
C VAL C 36 -12.49 1.21 -21.37
N GLY C 37 -13.28 0.51 -20.56
CA GLY C 37 -14.72 0.56 -20.75
C GLY C 37 -15.27 1.97 -20.66
N GLY C 38 -14.75 2.75 -19.72
CA GLY C 38 -15.32 4.06 -19.56
C GLY C 38 -15.14 4.97 -20.74
N LEU C 39 -14.33 4.54 -21.75
CA LEU C 39 -14.20 5.33 -22.97
C LEU C 39 -15.52 5.53 -23.70
N THR C 40 -16.54 4.67 -23.50
CA THR C 40 -17.83 4.98 -24.09
C THR C 40 -18.38 6.26 -23.49
N VAL C 41 -18.14 6.47 -22.21
CA VAL C 41 -18.59 7.71 -21.63
C VAL C 41 -17.77 8.87 -22.18
N LEU C 42 -16.47 8.70 -22.28
CA LEU C 42 -15.65 9.78 -22.79
C LEU C 42 -16.11 10.24 -24.14
N LYS C 43 -16.36 9.30 -25.05
CA LYS C 43 -16.80 9.63 -26.42
C LYS C 43 -18.07 10.48 -26.40
N ALA C 44 -19.09 10.02 -25.66
CA ALA C 44 -20.32 10.79 -25.59
C ALA C 44 -20.08 12.20 -25.02
N LEU C 45 -19.19 12.33 -24.02
CA LEU C 45 -18.92 13.64 -23.48
C LEU C 45 -18.24 14.56 -24.51
N ARG C 46 -17.27 14.04 -25.25
CA ARG C 46 -16.52 14.87 -26.16
C ARG C 46 -17.41 15.33 -27.32
N ARG C 47 -18.35 14.49 -27.76
CA ARG C 47 -19.32 14.89 -28.77
C ARG C 47 -20.17 16.07 -28.30
N LEU C 48 -20.66 16.03 -27.08
CA LEU C 48 -21.49 17.15 -26.67
C LEU C 48 -20.66 18.35 -26.27
N LEU C 49 -19.38 18.15 -25.98
CA LEU C 49 -18.57 19.21 -25.40
C LEU C 49 -17.19 19.27 -26.05
N PRO C 50 -17.15 19.53 -27.35
CA PRO C 50 -15.84 19.47 -28.03
C PRO C 50 -14.86 20.52 -27.56
N ARG C 51 -15.27 21.47 -26.73
CA ARG C 51 -14.29 22.50 -26.38
C ARG C 51 -13.57 22.15 -25.07
N GLU C 52 -14.08 21.15 -24.34
CA GLU C 52 -13.57 20.85 -23.02
C GLU C 52 -12.29 20.02 -23.06
N GLU C 53 -11.49 20.16 -22.03
CA GLU C 53 -10.34 19.32 -21.82
C GLU C 53 -10.72 18.17 -20.87
N PHE C 54 -10.42 16.95 -21.27
CA PHE C 54 -10.72 15.83 -20.42
C PHE C 54 -9.44 15.18 -19.89
N LEU C 55 -9.47 14.76 -18.63
CA LEU C 55 -8.45 13.86 -18.13
C LEU C 55 -9.14 12.52 -17.90
N TYR C 56 -8.75 11.53 -18.64
CA TYR C 56 -9.37 10.26 -18.51
C TYR C 56 -8.41 9.39 -17.72
N PHE C 57 -8.87 8.89 -16.60
CA PHE C 57 -8.03 8.11 -15.69
C PHE C 57 -8.53 6.67 -15.80
N GLY C 58 -7.68 5.79 -16.30
CA GLY C 58 -8.03 4.39 -16.34
C GLY C 58 -7.16 3.62 -15.38
N ASP C 59 -7.80 3.02 -14.37
CA ASP C 59 -7.05 2.36 -13.31
C ASP C 59 -6.71 0.91 -13.67
N THR C 60 -6.02 0.73 -14.79
CA THR C 60 -5.79 -0.60 -15.33
C THR C 60 -4.88 -1.44 -14.46
N ALA C 61 -4.17 -0.83 -13.51
CA ALA C 61 -3.38 -1.65 -12.63
C ALA C 61 -4.26 -2.46 -11.69
N ARG C 62 -5.51 -2.08 -11.52
CA ARG C 62 -6.37 -2.75 -10.57
C ARG C 62 -7.68 -3.17 -11.19
N VAL C 63 -7.84 -3.03 -12.51
CA VAL C 63 -9.02 -3.51 -13.23
C VAL C 63 -9.09 -5.02 -13.08
N PRO C 64 -10.26 -5.63 -12.98
CA PRO C 64 -11.60 -5.05 -12.91
C PRO C 64 -12.07 -4.79 -11.49
N TYR C 65 -13.00 -3.87 -11.36
CA TYR C 65 -13.63 -3.58 -10.10
C TYR C 65 -14.84 -4.52 -9.87
N GLY C 66 -15.37 -5.12 -10.93
CA GLY C 66 -16.69 -5.75 -10.83
C GLY C 66 -16.72 -6.91 -9.87
N GLY C 67 -15.60 -7.56 -9.67
CA GLY C 67 -15.48 -8.64 -8.73
C GLY C 67 -14.79 -8.28 -7.45
N LYS C 68 -14.51 -6.98 -7.21
CA LYS C 68 -13.84 -6.70 -5.95
C LYS C 68 -14.88 -6.33 -4.88
N PRO C 69 -14.53 -6.37 -3.59
CA PRO C 69 -15.47 -5.93 -2.55
C PRO C 69 -15.85 -4.49 -2.75
N LEU C 70 -17.13 -4.19 -2.60
CA LEU C 70 -17.56 -2.83 -2.84
C LEU C 70 -16.72 -1.80 -2.06
N ALA C 71 -16.39 -2.09 -0.80
CA ALA C 71 -15.68 -1.11 0.02
C ALA C 71 -14.29 -0.80 -0.50
N MET C 72 -13.66 -1.76 -1.14
CA MET C 72 -12.37 -1.50 -1.72
C MET C 72 -12.50 -0.55 -2.89
N VAL C 73 -13.50 -0.76 -3.76
CA VAL C 73 -13.72 0.17 -4.85
C VAL C 73 -13.95 1.59 -4.31
N ARG C 74 -14.65 1.70 -3.19
CA ARG C 74 -14.93 3.02 -2.63
C ARG C 74 -13.64 3.76 -2.27
N ARG C 75 -12.64 3.02 -1.81
CA ARG C 75 -11.35 3.61 -1.51
C ARG C 75 -10.61 3.96 -2.80
N PHE C 76 -10.67 3.09 -3.78
CA PHE C 76 -10.16 3.45 -5.09
C PHE C 76 -10.77 4.77 -5.56
N ALA C 77 -12.09 4.89 -5.48
CA ALA C 77 -12.71 6.09 -6.01
C ALA C 77 -12.20 7.32 -5.27
N TRP C 78 -12.07 7.22 -3.95
CA TRP C 78 -11.57 8.36 -3.16
C TRP C 78 -10.15 8.76 -3.55
N GLU C 79 -9.26 7.77 -3.71
CA GLU C 79 -7.88 8.06 -4.10
C GLU C 79 -7.86 8.80 -5.43
N ILE C 80 -8.60 8.26 -6.42
CA ILE C 80 -8.60 8.80 -7.77
C ILE C 80 -9.26 10.17 -7.79
N ALA C 81 -10.31 10.35 -7.01
CA ALA C 81 -10.85 11.69 -6.96
C ALA C 81 -9.79 12.66 -6.44
N GLY C 82 -9.05 12.23 -5.43
CA GLY C 82 -8.00 13.07 -4.91
C GLY C 82 -6.93 13.38 -5.94
N PHE C 83 -6.52 12.39 -6.67
CA PHE C 83 -5.54 12.67 -7.70
C PHE C 83 -6.08 13.68 -8.73
N LEU C 84 -7.35 13.54 -9.18
CA LEU C 84 -7.88 14.48 -10.17
C LEU C 84 -7.96 15.87 -9.59
N LEU C 85 -8.35 16.01 -8.33
CA LEU C 85 -8.39 17.37 -7.81
C LEU C 85 -7.00 17.97 -7.75
N ARG C 86 -6.00 17.16 -7.41
CA ARG C 86 -4.62 17.65 -7.38
C ARG C 86 -4.21 18.22 -8.74
N GLN C 87 -4.75 17.62 -9.81
CA GLN C 87 -4.47 18.02 -11.17
C GLN C 87 -5.29 19.26 -11.55
N GLY C 88 -6.22 19.68 -10.71
CA GLY C 88 -7.00 20.89 -10.98
C GLY C 88 -8.31 20.78 -11.75
N VAL C 89 -8.97 19.62 -11.76
CA VAL C 89 -10.21 19.50 -12.51
C VAL C 89 -11.32 20.34 -11.87
N LYS C 90 -12.27 20.77 -12.70
CA LYS C 90 -13.45 21.52 -12.28
C LYS C 90 -14.67 20.63 -12.05
N ALA C 91 -14.64 19.37 -12.47
CA ALA C 91 -15.74 18.44 -12.19
C ALA C 91 -15.17 17.06 -12.41
N ILE C 92 -15.86 16.07 -11.86
CA ILE C 92 -15.43 14.68 -11.94
C ILE C 92 -16.62 13.91 -12.43
N VAL C 93 -16.40 13.09 -13.46
CA VAL C 93 -17.37 12.15 -13.99
C VAL C 93 -16.84 10.80 -13.65
N VAL C 94 -17.59 10.04 -12.88
CA VAL C 94 -17.27 8.64 -12.56
C VAL C 94 -17.87 7.76 -13.68
N ALA C 95 -17.06 7.40 -14.66
CA ALA C 95 -17.62 6.65 -15.78
C ALA C 95 -17.96 5.20 -15.43
N CYS C 96 -17.38 4.60 -14.42
CA CYS C 96 -17.65 3.21 -14.09
C CYS C 96 -18.97 2.98 -13.35
N ASN C 97 -19.77 2.00 -13.79
CA ASN C 97 -20.97 1.70 -13.03
C ASN C 97 -20.63 1.03 -11.70
N THR C 98 -19.59 0.22 -11.64
CA THR C 98 -19.27 -0.41 -10.36
C THR C 98 -18.82 0.65 -9.36
N ALA C 99 -17.94 1.59 -9.79
CA ALA C 99 -17.45 2.63 -8.89
C ALA C 99 -18.55 3.61 -8.52
N SER C 100 -19.43 3.93 -9.48
CA SER C 100 -20.60 4.73 -9.16
C SER C 100 -21.43 4.07 -8.07
N SER C 101 -21.67 2.76 -8.20
CA SER C 101 -22.48 2.06 -7.19
C SER C 101 -21.84 2.11 -5.83
N ALA C 102 -20.52 1.98 -5.81
CA ALA C 102 -19.72 1.91 -4.61
C ALA C 102 -19.59 3.25 -3.92
N ALA C 103 -19.48 4.29 -4.72
CA ALA C 103 -19.15 5.57 -4.19
C ALA C 103 -20.10 6.67 -4.22
N LEU C 104 -21.11 6.60 -5.04
CA LEU C 104 -22.04 7.67 -5.07
C LEU C 104 -23.24 7.30 -4.34
N PRO C 105 -23.94 8.26 -3.79
CA PRO C 105 -23.81 9.69 -3.93
C PRO C 105 -22.90 10.31 -2.95
N ASP C 106 -22.30 9.56 -2.07
CA ASP C 106 -21.47 10.14 -1.08
C ASP C 106 -20.35 10.98 -1.63
N LEU C 107 -19.74 10.51 -2.67
CA LEU C 107 -18.62 11.24 -3.25
C LEU C 107 -19.05 12.62 -3.70
N ALA C 108 -20.25 12.73 -4.30
CA ALA C 108 -20.74 14.03 -4.70
C ALA C 108 -21.12 14.86 -3.48
N GLU C 109 -21.59 14.19 -2.42
CA GLU C 109 -21.97 14.88 -1.19
C GLU C 109 -20.76 15.32 -0.36
N ASP C 110 -19.59 14.76 -0.64
CA ASP C 110 -18.38 15.11 0.10
C ASP C 110 -17.48 16.11 -0.61
N LEU C 111 -17.59 16.26 -1.95
CA LEU C 111 -16.70 17.11 -2.74
C LEU C 111 -17.36 18.39 -3.20
N SER C 112 -16.55 19.44 -3.30
CA SER C 112 -17.05 20.74 -3.72
C SER C 112 -17.30 20.83 -5.22
N VAL C 113 -16.43 20.24 -6.04
CA VAL C 113 -16.59 20.31 -7.50
C VAL C 113 -17.76 19.39 -7.78
N PRO C 114 -18.54 19.64 -8.83
CA PRO C 114 -19.59 18.69 -9.22
C PRO C 114 -19.02 17.34 -9.58
N VAL C 115 -19.68 16.32 -9.07
CA VAL C 115 -19.35 14.93 -9.30
C VAL C 115 -20.60 14.31 -9.90
N PHE C 116 -20.43 13.57 -11.00
CA PHE C 116 -21.49 12.92 -11.76
C PHE C 116 -21.19 11.46 -11.90
N GLY C 117 -22.24 10.64 -11.88
CA GLY C 117 -22.11 9.23 -12.10
C GLY C 117 -22.99 8.71 -13.23
N VAL C 118 -22.91 7.39 -13.41
CA VAL C 118 -23.54 6.71 -14.52
C VAL C 118 -24.68 5.86 -14.05
N VAL C 119 -25.01 5.87 -12.76
CA VAL C 119 -26.17 5.18 -12.21
C VAL C 119 -27.41 6.06 -12.30
N GLU C 120 -27.37 7.23 -11.70
CA GLU C 120 -28.60 7.98 -11.53
C GLU C 120 -29.21 8.39 -12.87
N PRO C 121 -28.46 8.89 -13.85
CA PRO C 121 -29.14 9.36 -15.08
C PRO C 121 -29.94 8.28 -15.79
N ALA C 122 -29.39 7.08 -15.85
CA ALA C 122 -30.08 6.01 -16.54
C ALA C 122 -31.22 5.50 -15.70
N ALA C 123 -31.09 5.54 -14.38
CA ALA C 123 -32.18 5.11 -13.51
C ALA C 123 -33.28 6.15 -13.46
N ARG C 124 -32.99 7.38 -13.86
CA ARG C 124 -34.00 8.43 -13.86
C ARG C 124 -34.89 8.17 -15.07
N ALA C 125 -34.29 8.17 -16.26
CA ALA C 125 -35.01 7.84 -17.47
C ALA C 125 -35.79 6.55 -17.35
N ALA C 126 -35.28 5.60 -16.59
CA ALA C 126 -36.00 4.35 -16.50
C ALA C 126 -37.34 4.48 -15.79
N ARG C 127 -37.55 5.54 -15.02
CA ARG C 127 -38.78 5.65 -14.23
C ARG C 127 -40.03 5.85 -15.09
N GLY C 128 -39.89 6.19 -16.38
CA GLY C 128 -41.03 6.29 -17.28
C GLY C 128 -41.47 5.01 -17.97
N PHE C 129 -41.33 3.87 -17.30
CA PHE C 129 -41.67 2.54 -17.81
C PHE C 129 -42.25 1.74 -16.68
N ARG C 130 -43.10 0.76 -17.02
CA ARG C 130 -43.77 0.08 -15.92
C ARG C 130 -42.87 -0.99 -15.26
N LYS C 131 -42.11 -1.76 -16.04
CA LYS C 131 -41.24 -2.81 -15.51
C LYS C 131 -39.82 -2.71 -16.09
N VAL C 132 -38.82 -2.47 -15.21
CA VAL C 132 -37.46 -2.18 -15.60
C VAL C 132 -36.56 -3.29 -15.04
N GLY C 133 -35.65 -3.77 -15.89
CA GLY C 133 -34.59 -4.69 -15.50
C GLY C 133 -33.19 -4.11 -15.54
N LEU C 134 -32.24 -4.75 -14.85
CA LEU C 134 -30.84 -4.33 -14.85
C LEU C 134 -29.87 -5.47 -15.15
N ILE C 135 -28.88 -5.20 -16.01
CA ILE C 135 -27.68 -6.02 -16.14
C ILE C 135 -26.46 -5.16 -15.85
N GLY C 136 -25.45 -5.75 -15.22
CA GLY C 136 -24.20 -5.09 -14.90
C GLY C 136 -23.22 -6.07 -14.31
N THR C 137 -22.14 -5.57 -13.75
CA THR C 137 -21.20 -6.47 -13.06
C THR C 137 -21.83 -7.02 -11.78
N GLN C 138 -21.19 -8.06 -11.23
CA GLN C 138 -21.53 -8.65 -9.91
C GLN C 138 -21.58 -7.58 -8.82
N ALA C 139 -20.57 -6.73 -8.75
CA ALA C 139 -20.63 -5.68 -7.73
C ALA C 139 -21.82 -4.75 -7.97
N THR C 140 -22.06 -4.37 -9.20
CA THR C 140 -23.11 -3.39 -9.44
C THR C 140 -24.48 -3.92 -9.00
N VAL C 141 -24.86 -5.14 -9.41
CA VAL C 141 -26.22 -5.60 -9.13
C VAL C 141 -26.41 -5.93 -7.64
N GLU C 142 -25.36 -6.39 -6.94
CA GLU C 142 -25.48 -6.75 -5.53
C GLU C 142 -25.41 -5.54 -4.60
N SER C 143 -25.01 -4.37 -5.11
CA SER C 143 -24.83 -3.22 -4.26
C SER C 143 -26.16 -2.61 -3.84
N GLY C 144 -27.21 -2.80 -4.64
CA GLY C 144 -28.43 -2.06 -4.42
C GLY C 144 -28.37 -0.59 -4.82
N ALA C 145 -27.34 -0.17 -5.56
CA ALA C 145 -27.27 1.23 -5.96
C ALA C 145 -28.48 1.62 -6.81
N TYR C 146 -28.89 0.76 -7.78
CA TYR C 146 -29.95 1.12 -8.73
C TYR C 146 -31.31 1.13 -8.01
N PRO C 147 -31.61 0.13 -7.17
CA PRO C 147 -32.89 0.15 -6.44
C PRO C 147 -33.08 1.40 -5.60
N ARG C 148 -32.03 2.13 -5.28
CA ARG C 148 -32.19 3.37 -4.53
C ARG C 148 -32.84 4.44 -5.37
N TYR C 149 -32.73 4.34 -6.70
CA TYR C 149 -33.27 5.37 -7.56
C TYR C 149 -34.47 4.87 -8.38
N VAL C 150 -34.67 3.55 -8.49
CA VAL C 150 -35.75 3.04 -9.33
C VAL C 150 -36.09 1.62 -8.91
N ASP C 151 -37.40 1.27 -8.95
CA ASP C 151 -37.83 -0.10 -8.67
C ASP C 151 -37.50 -1.04 -9.83
N LEU C 152 -36.92 -2.19 -9.49
CA LEU C 152 -36.46 -3.15 -10.49
C LEU C 152 -37.29 -4.42 -10.48
N ALA C 153 -37.75 -4.81 -11.69
CA ALA C 153 -38.39 -6.09 -11.87
C ALA C 153 -37.40 -7.26 -11.91
N TRP C 154 -36.15 -7.02 -12.29
CA TRP C 154 -35.21 -8.12 -12.48
C TRP C 154 -33.77 -7.60 -12.59
N ALA C 155 -32.83 -8.32 -11.97
CA ALA C 155 -31.44 -7.93 -12.08
C ALA C 155 -30.57 -9.17 -12.18
N LYS C 156 -29.52 -9.09 -13.01
CA LYS C 156 -28.68 -10.23 -13.34
C LYS C 156 -27.28 -9.78 -13.74
N ALA C 157 -26.27 -10.39 -13.09
CA ALA C 157 -24.85 -10.15 -13.37
C ALA C 157 -24.36 -10.90 -14.63
N CYS C 158 -23.64 -10.20 -15.50
CA CYS C 158 -23.26 -10.74 -16.78
C CYS C 158 -21.75 -10.73 -16.95
N PRO C 159 -21.05 -11.48 -16.11
CA PRO C 159 -19.58 -11.37 -16.03
C PRO C 159 -18.90 -11.49 -17.37
N LEU C 160 -19.45 -12.30 -18.31
CA LEU C 160 -18.77 -12.58 -19.57
C LEU C 160 -18.89 -11.45 -20.57
N PHE C 161 -19.85 -10.54 -20.39
CA PHE C 161 -19.97 -9.49 -21.36
C PHE C 161 -18.69 -8.69 -21.44
N VAL C 162 -18.13 -8.34 -20.30
CA VAL C 162 -16.95 -7.48 -20.35
C VAL C 162 -15.84 -8.17 -21.11
N PRO C 163 -15.42 -9.38 -20.77
CA PRO C 163 -14.36 -9.99 -21.55
C PRO C 163 -14.78 -10.31 -23.02
N LEU C 164 -16.07 -10.61 -23.31
CA LEU C 164 -16.50 -10.68 -24.70
C LEU C 164 -16.26 -9.36 -25.42
N VAL C 165 -16.64 -8.23 -24.80
CA VAL C 165 -16.40 -6.96 -25.49
C VAL C 165 -14.90 -6.67 -25.65
N GLU C 166 -14.13 -6.81 -24.59
CA GLU C 166 -12.70 -6.51 -24.73
C GLU C 166 -12.01 -7.44 -25.73
N GLU C 167 -12.58 -8.60 -26.03
CA GLU C 167 -11.96 -9.42 -27.05
C GLU C 167 -12.42 -9.06 -28.47
N GLY C 168 -13.25 -8.04 -28.64
CA GLY C 168 -13.61 -7.64 -29.97
C GLY C 168 -14.69 -8.50 -30.61
N LEU C 169 -15.45 -9.24 -29.80
CA LEU C 169 -16.37 -10.26 -30.25
C LEU C 169 -17.82 -9.83 -30.14
N TRP C 170 -18.06 -8.52 -30.13
CA TRP C 170 -19.41 -7.96 -29.95
C TRP C 170 -20.44 -8.27 -31.05
N ASP C 171 -19.97 -8.81 -32.16
CA ASP C 171 -20.86 -9.12 -33.26
C ASP C 171 -20.78 -10.57 -33.64
N ASP C 172 -19.87 -11.29 -32.99
CA ASP C 172 -19.67 -12.72 -33.25
C ASP C 172 -20.74 -13.56 -32.56
N PRO C 173 -21.17 -14.65 -33.22
CA PRO C 173 -22.20 -15.57 -32.73
C PRO C 173 -22.06 -16.00 -31.27
N VAL C 174 -20.85 -16.07 -30.74
CA VAL C 174 -20.64 -16.49 -29.37
C VAL C 174 -21.26 -15.49 -28.44
N ALA C 175 -21.22 -14.21 -28.77
CA ALA C 175 -21.79 -13.18 -27.98
C ALA C 175 -23.23 -13.50 -27.81
N LEU C 176 -23.91 -13.71 -28.93
CA LEU C 176 -25.33 -14.01 -28.95
C LEU C 176 -25.71 -15.18 -28.05
N LEU C 177 -24.94 -16.26 -28.09
CA LEU C 177 -25.28 -17.39 -27.28
C LEU C 177 -25.10 -17.04 -25.85
N VAL C 178 -24.10 -16.25 -25.56
CA VAL C 178 -23.87 -15.85 -24.17
C VAL C 178 -24.95 -14.88 -23.72
N ALA C 179 -25.38 -13.97 -24.61
CA ALA C 179 -26.49 -13.12 -24.25
C ALA C 179 -27.70 -13.97 -23.89
N ARG C 180 -27.98 -15.02 -24.68
CA ARG C 180 -29.13 -15.87 -24.40
C ARG C 180 -29.00 -16.57 -23.06
N HIS C 181 -27.79 -17.07 -22.73
CA HIS C 181 -27.59 -17.73 -21.42
C HIS C 181 -27.91 -16.80 -20.24
N TYR C 182 -27.61 -15.49 -20.33
CA TYR C 182 -27.83 -14.58 -19.21
C TYR C 182 -29.27 -14.06 -19.19
N LEU C 183 -29.85 -13.80 -20.35
CA LEU C 183 -31.19 -13.20 -20.42
C LEU C 183 -32.38 -14.13 -20.68
N GLU C 184 -32.13 -15.42 -20.85
CA GLU C 184 -33.22 -16.35 -21.10
C GLU C 184 -34.25 -16.24 -20.01
N ASP C 185 -33.80 -16.36 -18.78
CA ASP C 185 -34.70 -16.30 -17.66
C ASP C 185 -35.15 -14.92 -17.20
N ALA C 186 -35.67 -14.09 -18.09
CA ALA C 186 -36.08 -12.78 -17.70
C ALA C 186 -37.38 -12.40 -18.31
N PRO C 187 -38.25 -11.86 -17.44
CA PRO C 187 -39.61 -11.36 -17.54
C PRO C 187 -39.88 -10.90 -18.95
N LYS C 188 -40.95 -11.43 -19.52
CA LYS C 188 -41.32 -11.08 -20.85
C LYS C 188 -42.09 -9.80 -20.99
N ASP C 189 -42.43 -9.19 -19.89
CA ASP C 189 -43.15 -7.95 -20.03
C ASP C 189 -42.26 -6.81 -19.72
N LEU C 190 -40.96 -7.01 -19.64
CA LEU C 190 -40.09 -5.89 -19.36
C LEU C 190 -40.20 -4.91 -20.49
N GLU C 191 -40.34 -3.64 -20.21
CA GLU C 191 -40.37 -2.65 -21.27
C GLU C 191 -39.01 -1.99 -21.52
N ALA C 192 -38.11 -1.97 -20.52
CA ALA C 192 -36.78 -1.37 -20.66
C ALA C 192 -35.75 -2.17 -19.87
N LEU C 193 -34.50 -2.12 -20.36
CA LEU C 193 -33.36 -2.80 -19.75
C LEU C 193 -32.22 -1.82 -19.58
N ILE C 194 -31.76 -1.67 -18.34
CA ILE C 194 -30.59 -0.84 -18.06
C ILE C 194 -29.28 -1.58 -18.29
N LEU C 195 -28.44 -1.00 -19.16
CA LEU C 195 -27.09 -1.48 -19.44
C LEU C 195 -26.13 -0.85 -18.42
N GLY C 196 -26.12 -1.45 -17.24
CA GLY C 196 -25.45 -0.83 -16.12
C GLY C 196 -23.99 -1.22 -16.06
N CYS C 197 -23.27 -1.07 -17.17
CA CYS C 197 -21.85 -1.40 -17.26
C CYS C 197 -21.31 -0.62 -18.40
N THR C 198 -20.11 0.01 -18.25
CA THR C 198 -19.63 0.85 -19.36
C THR C 198 -19.50 0.10 -20.67
N HIS C 199 -19.20 -1.20 -20.66
CA HIS C 199 -18.86 -1.96 -21.85
C HIS C 199 -20.11 -2.37 -22.65
N TYR C 200 -21.28 -2.27 -22.05
CA TYR C 200 -22.44 -2.95 -22.58
C TYR C 200 -23.03 -2.25 -23.83
N PRO C 201 -22.76 -0.97 -24.09
CA PRO C 201 -23.24 -0.41 -25.37
C PRO C 201 -22.74 -1.13 -26.61
N PHE C 202 -21.55 -1.73 -26.55
CA PHE C 202 -21.03 -2.47 -27.69
C PHE C 202 -21.90 -3.65 -28.01
N LEU C 203 -22.72 -4.09 -27.06
CA LEU C 203 -23.45 -5.32 -27.21
C LEU C 203 -24.93 -5.10 -27.48
N LYS C 204 -25.35 -3.91 -27.91
CA LYS C 204 -26.77 -3.72 -28.18
C LYS C 204 -27.26 -4.77 -29.20
N GLY C 205 -26.45 -5.08 -30.21
CA GLY C 205 -26.88 -6.09 -31.14
C GLY C 205 -27.26 -7.41 -30.53
N ALA C 206 -26.36 -8.07 -29.80
CA ALA C 206 -26.76 -9.37 -29.25
C ALA C 206 -27.87 -9.18 -28.19
N ILE C 207 -27.85 -8.09 -27.42
CA ILE C 207 -28.90 -7.90 -26.43
C ILE C 207 -30.24 -7.59 -27.11
N GLY C 208 -30.28 -6.67 -28.09
CA GLY C 208 -31.56 -6.44 -28.79
C GLY C 208 -32.16 -7.73 -29.37
N ALA C 209 -31.31 -8.56 -29.98
CA ALA C 209 -31.71 -9.83 -30.57
C ALA C 209 -32.38 -10.79 -29.57
N VAL C 210 -31.92 -10.83 -28.33
CA VAL C 210 -32.50 -11.82 -27.42
C VAL C 210 -33.72 -11.27 -26.66
N LEU C 211 -33.84 -9.93 -26.55
CA LEU C 211 -34.93 -9.25 -25.87
C LEU C 211 -35.52 -8.22 -26.82
N PRO C 212 -36.17 -8.67 -27.89
CA PRO C 212 -36.70 -7.72 -28.88
C PRO C 212 -37.76 -6.77 -28.32
N GLY C 213 -37.78 -5.54 -28.85
CA GLY C 213 -38.83 -4.62 -28.43
C GLY C 213 -38.57 -3.88 -27.12
N VAL C 214 -37.52 -4.23 -26.40
CA VAL C 214 -37.27 -3.73 -25.05
C VAL C 214 -36.37 -2.52 -25.21
N ALA C 215 -36.77 -1.38 -24.65
CA ALA C 215 -35.88 -0.22 -24.71
C ALA C 215 -34.61 -0.49 -23.90
N LEU C 216 -33.45 -0.28 -24.53
CA LEU C 216 -32.15 -0.51 -23.92
C LEU C 216 -31.58 0.83 -23.50
N LEU C 217 -31.36 0.99 -22.19
CA LEU C 217 -30.95 2.26 -21.61
C LEU C 217 -29.44 2.33 -21.49
N ASP C 218 -28.87 3.29 -22.19
CA ASP C 218 -27.42 3.46 -22.32
C ASP C 218 -26.92 4.46 -21.26
N SER C 219 -26.05 3.96 -20.38
CA SER C 219 -25.51 4.78 -19.30
C SER C 219 -24.68 5.93 -19.85
N ALA C 220 -23.86 5.69 -20.86
CA ALA C 220 -22.98 6.74 -21.40
C ALA C 220 -23.74 7.93 -21.97
N GLU C 221 -24.76 7.69 -22.79
CA GLU C 221 -25.34 8.86 -23.44
C GLU C 221 -26.16 9.64 -22.43
N LEU C 222 -26.84 8.90 -21.55
CA LEU C 222 -27.69 9.54 -20.56
C LEU C 222 -26.89 10.41 -19.59
N THR C 223 -25.71 9.93 -19.18
CA THR C 223 -24.85 10.67 -18.27
C THR C 223 -24.23 11.90 -18.94
N ALA C 224 -23.72 11.75 -20.15
CA ALA C 224 -23.08 12.90 -20.77
C ALA C 224 -24.06 14.05 -20.94
N GLN C 225 -25.32 13.71 -21.18
CA GLN C 225 -26.29 14.77 -21.32
C GLN C 225 -26.46 15.49 -20.02
N GLU C 226 -26.57 14.72 -18.93
CA GLU C 226 -26.70 15.30 -17.58
C GLU C 226 -25.48 16.16 -17.26
N VAL C 227 -24.29 15.70 -17.60
CA VAL C 227 -23.10 16.48 -17.30
C VAL C 227 -23.14 17.81 -18.03
N ALA C 228 -23.44 17.75 -19.34
CA ALA C 228 -23.47 18.95 -20.19
C ALA C 228 -24.52 19.95 -19.71
N ARG C 229 -25.71 19.44 -19.40
CA ARG C 229 -26.77 20.31 -18.94
C ARG C 229 -26.29 21.01 -17.68
N ALA C 230 -25.89 20.23 -16.64
CA ALA C 230 -25.55 20.80 -15.34
C ALA C 230 -24.35 21.74 -15.37
N LEU C 231 -23.34 21.43 -16.17
CA LEU C 231 -22.17 22.28 -16.15
C LEU C 231 -22.44 23.65 -16.79
N GLU C 232 -23.11 23.64 -17.97
CA GLU C 232 -23.55 24.88 -18.56
C GLU C 232 -24.40 25.66 -17.56
N ALA C 233 -25.31 24.95 -16.89
CA ALA C 233 -26.17 25.64 -15.94
C ALA C 233 -25.38 26.35 -14.86
N GLU C 234 -24.16 25.92 -14.58
CA GLU C 234 -23.40 26.54 -13.51
C GLU C 234 -22.36 27.50 -14.03
N GLY C 235 -22.37 27.76 -15.33
CA GLY C 235 -21.41 28.67 -15.87
C GLY C 235 -20.01 28.11 -15.91
N LEU C 236 -19.87 26.78 -15.99
CA LEU C 236 -18.54 26.18 -15.95
C LEU C 236 -18.05 25.63 -17.28
N LEU C 237 -18.84 25.75 -18.34
CA LEU C 237 -18.46 25.27 -19.65
C LEU C 237 -17.54 26.30 -20.23
N ASN C 238 -16.57 25.83 -21.02
CA ASN C 238 -15.57 26.74 -21.59
C ASN C 238 -16.05 27.25 -22.94
N PRO C 239 -16.35 28.55 -23.07
CA PRO C 239 -16.99 29.06 -24.29
C PRO C 239 -16.06 29.02 -25.53
N GLU C 240 -14.76 29.26 -25.35
CA GLU C 240 -13.75 29.48 -26.39
C GLU C 240 -12.80 28.28 -26.45
N GLY C 241 -11.87 28.28 -27.41
CA GLY C 241 -10.89 27.21 -27.53
C GLY C 241 -11.29 25.83 -28.10
N ARG C 242 -10.21 25.09 -28.41
CA ARG C 242 -10.26 23.76 -29.00
C ARG C 242 -9.87 22.67 -27.97
N GLY C 243 -10.87 21.88 -27.55
CA GLY C 243 -10.69 20.89 -26.49
C GLY C 243 -9.75 19.74 -26.84
N ARG C 244 -9.04 19.21 -25.81
CA ARG C 244 -8.18 18.02 -25.92
C ARG C 244 -8.43 16.96 -24.80
N THR C 245 -7.84 15.78 -24.99
CA THR C 245 -7.99 14.67 -24.05
C THR C 245 -6.61 14.14 -23.69
N PHE C 246 -6.32 13.98 -22.40
CA PHE C 246 -5.10 13.31 -21.96
C PHE C 246 -5.46 12.02 -21.21
N HIS C 247 -4.75 10.92 -21.47
CA HIS C 247 -5.03 9.66 -20.78
C HIS C 247 -4.02 9.42 -19.67
N LEU C 248 -4.51 8.92 -18.54
CA LEU C 248 -3.69 8.63 -17.37
C LEU C 248 -4.08 7.23 -16.93
N VAL C 249 -3.11 6.32 -16.87
CA VAL C 249 -3.43 4.96 -16.49
C VAL C 249 -2.44 4.45 -15.44
N THR C 250 -2.90 3.51 -14.61
CA THR C 250 -2.00 3.00 -13.60
C THR C 250 -1.27 1.74 -14.04
N GLY C 251 -1.77 1.02 -15.08
CA GLY C 251 -1.13 -0.18 -15.62
C GLY C 251 -0.26 0.14 -16.82
N ASP C 252 -0.04 -0.86 -17.67
CA ASP C 252 0.86 -0.64 -18.80
C ASP C 252 0.22 0.24 -19.88
N PRO C 253 0.89 1.33 -20.29
CA PRO C 253 0.25 2.26 -21.24
C PRO C 253 0.09 1.69 -22.62
N GLU C 254 1.05 0.88 -23.05
CA GLU C 254 0.99 0.33 -24.40
C GLU C 254 -0.12 -0.68 -24.54
N ALA C 255 -0.29 -1.51 -23.52
CA ALA C 255 -1.44 -2.43 -23.44
C ALA C 255 -2.76 -1.69 -23.46
N TYR C 256 -2.83 -0.58 -22.76
CA TYR C 256 -4.06 0.18 -22.70
C TYR C 256 -4.35 0.76 -24.05
N ARG C 257 -3.31 1.33 -24.68
CA ARG C 257 -3.45 1.90 -26.01
C ARG C 257 -3.97 0.87 -27.01
N ALA C 258 -3.43 -0.35 -26.94
CA ALA C 258 -3.89 -1.42 -27.81
C ALA C 258 -5.35 -1.71 -27.56
N LEU C 259 -5.70 -1.89 -26.29
CA LEU C 259 -7.06 -2.18 -25.90
C LEU C 259 -8.06 -1.10 -26.31
N ALA C 260 -7.68 0.16 -26.13
CA ALA C 260 -8.56 1.26 -26.48
C ALA C 260 -8.84 1.26 -27.96
N GLU C 261 -7.83 0.92 -28.75
CA GLU C 261 -8.00 0.84 -30.20
C GLU C 261 -8.92 -0.30 -30.61
N ARG C 262 -8.80 -1.47 -29.97
CA ARG C 262 -9.76 -2.52 -30.31
C ARG C 262 -11.19 -2.07 -30.06
N LEU C 263 -11.40 -0.99 -29.30
CA LEU C 263 -12.73 -0.45 -29.03
C LEU C 263 -12.98 0.86 -29.80
N GLY C 264 -12.24 1.08 -30.87
CA GLY C 264 -12.41 2.27 -31.65
C GLY C 264 -12.20 3.57 -30.90
N GLU C 265 -10.96 3.83 -30.50
CA GLU C 265 -10.54 5.07 -29.86
C GLU C 265 -9.07 5.21 -30.15
N ARG C 266 -8.67 6.28 -30.79
CA ARG C 266 -7.25 6.44 -31.12
C ARG C 266 -6.65 7.15 -29.93
N VAL C 267 -5.80 6.45 -29.20
CA VAL C 267 -5.22 7.00 -27.98
C VAL C 267 -3.97 7.78 -28.36
N GLU C 268 -4.04 9.09 -28.16
CA GLU C 268 -2.95 10.00 -28.45
C GLU C 268 -1.93 10.27 -27.34
N ALA C 269 -2.39 10.50 -26.13
CA ALA C 269 -1.51 10.97 -25.06
C ALA C 269 -1.72 10.05 -23.89
N VAL C 270 -0.71 9.27 -23.54
CA VAL C 270 -0.88 8.43 -22.35
C VAL C 270 0.40 8.46 -21.54
N ARG C 271 0.25 8.49 -20.22
CA ARG C 271 1.38 8.29 -19.35
C ARG C 271 0.93 7.46 -18.15
N ARG C 272 1.90 6.80 -17.56
CA ARG C 272 1.62 5.88 -16.48
C ARG C 272 1.64 6.68 -15.20
N VAL C 273 0.63 6.52 -14.39
CA VAL C 273 0.56 7.16 -13.09
C VAL C 273 0.83 6.14 -12.01
N SER C 274 1.84 6.39 -11.18
CA SER C 274 2.13 5.47 -10.10
C SER C 274 1.04 5.45 -9.04
N LEU C 275 0.72 4.24 -8.57
CA LEU C 275 -0.15 4.07 -7.41
C LEU C 275 0.42 4.77 -6.17
N GLU C 276 1.73 5.06 -6.14
CA GLU C 276 2.29 5.85 -5.05
C GLU C 276 1.81 7.30 -5.09
N GLU C 277 1.36 7.78 -6.27
CA GLU C 277 0.85 9.13 -6.45
C GLU C 277 -0.62 9.20 -5.95
N LEU C 278 -1.08 8.11 -5.35
CA LEU C 278 -2.46 7.97 -4.95
C LEU C 278 -2.49 7.99 -3.42
N LYS D 23 13.93 -29.25 9.28
CA LYS D 23 12.79 -29.72 8.49
C LYS D 23 11.79 -30.53 9.35
N ASP D 24 10.50 -30.15 9.33
CA ASP D 24 9.44 -30.79 10.14
C ASP D 24 8.31 -31.29 9.25
N PRO D 25 8.17 -32.61 9.03
CA PRO D 25 7.11 -33.09 8.12
C PRO D 25 5.71 -32.91 8.67
N LYS D 26 5.53 -32.62 9.95
CA LYS D 26 4.16 -32.33 10.36
C LYS D 26 3.70 -30.97 9.79
N ALA D 27 4.64 -30.11 9.36
CA ALA D 27 4.28 -28.78 8.91
C ALA D 27 3.61 -28.81 7.52
N PRO D 28 2.81 -27.78 7.23
CA PRO D 28 2.03 -27.73 5.98
C PRO D 28 2.80 -27.30 4.73
N ILE D 29 2.16 -27.60 3.58
CA ILE D 29 2.55 -27.13 2.23
C ILE D 29 1.75 -25.90 1.82
N GLY D 30 2.45 -24.82 1.43
CA GLY D 30 1.75 -23.66 0.90
C GLY D 30 1.50 -23.79 -0.60
N VAL D 31 0.30 -23.43 -1.01
CA VAL D 31 -0.06 -23.42 -2.41
C VAL D 31 -0.72 -22.07 -2.66
N PHE D 32 -0.29 -21.34 -3.71
CA PHE D 32 -0.97 -20.06 -3.86
C PHE D 32 -1.25 -19.73 -5.31
N ASP D 33 -2.28 -18.90 -5.49
CA ASP D 33 -2.80 -18.58 -6.80
C ASP D 33 -3.46 -17.23 -6.69
N SER D 34 -3.87 -16.70 -7.83
CA SER D 34 -4.57 -15.44 -7.81
C SER D 34 -6.00 -15.57 -7.31
N GLY D 35 -6.55 -16.78 -7.38
CA GLY D 35 -7.95 -17.04 -7.07
C GLY D 35 -8.31 -18.51 -7.03
N VAL D 36 -9.43 -18.88 -7.67
CA VAL D 36 -9.91 -20.27 -7.65
C VAL D 36 -9.23 -21.17 -8.65
N GLY D 37 -8.57 -20.61 -9.64
CA GLY D 37 -8.05 -21.47 -10.68
C GLY D 37 -7.06 -22.49 -10.17
N GLY D 38 -6.19 -22.07 -9.25
CA GLY D 38 -5.19 -22.93 -8.69
C GLY D 38 -5.74 -24.10 -7.90
N LEU D 39 -7.07 -24.17 -7.74
CA LEU D 39 -7.63 -25.35 -7.09
C LEU D 39 -7.42 -26.62 -7.89
N THR D 40 -7.24 -26.54 -9.22
CA THR D 40 -6.94 -27.76 -9.94
C THR D 40 -5.63 -28.35 -9.45
N VAL D 41 -4.68 -27.48 -9.13
CA VAL D 41 -3.41 -27.96 -8.62
C VAL D 41 -3.59 -28.55 -7.23
N LEU D 42 -4.39 -27.87 -6.41
CA LEU D 42 -4.64 -28.30 -5.05
C LEU D 42 -5.21 -29.72 -4.99
N LYS D 43 -6.14 -30.00 -5.90
CA LYS D 43 -6.79 -31.30 -5.98
C LYS D 43 -5.82 -32.38 -6.41
N ALA D 44 -5.06 -32.14 -7.47
CA ALA D 44 -4.10 -33.15 -7.87
C ALA D 44 -3.13 -33.44 -6.74
N LEU D 45 -2.72 -32.41 -5.99
CA LEU D 45 -1.80 -32.65 -4.88
C LEU D 45 -2.46 -33.44 -3.77
N ARG D 46 -3.70 -33.10 -3.44
CA ARG D 46 -4.32 -33.77 -2.32
C ARG D 46 -4.54 -35.25 -2.65
N ARG D 47 -4.78 -35.58 -3.93
CA ARG D 47 -4.92 -36.99 -4.31
C ARG D 47 -3.61 -37.75 -4.12
N LEU D 48 -2.46 -37.14 -4.44
CA LEU D 48 -1.23 -37.90 -4.29
C LEU D 48 -0.71 -37.92 -2.84
N LEU D 49 -1.07 -36.91 -2.04
CA LEU D 49 -0.49 -36.68 -0.72
C LEU D 49 -1.61 -36.49 0.30
N PRO D 50 -2.43 -37.52 0.51
CA PRO D 50 -3.58 -37.34 1.40
C PRO D 50 -3.18 -37.09 2.82
N ARG D 51 -1.92 -37.33 3.15
CA ARG D 51 -1.43 -37.12 4.51
C ARG D 51 -0.74 -35.77 4.69
N GLU D 52 -0.94 -34.84 3.76
CA GLU D 52 -0.31 -33.53 3.90
C GLU D 52 -1.33 -32.48 4.25
N GLU D 53 -0.90 -31.50 5.04
CA GLU D 53 -1.73 -30.35 5.35
C GLU D 53 -1.45 -29.28 4.31
N PHE D 54 -2.47 -28.74 3.67
CA PHE D 54 -2.24 -27.69 2.71
C PHE D 54 -2.80 -26.37 3.20
N LEU D 55 -2.07 -25.29 2.91
CA LEU D 55 -2.47 -23.92 3.18
C LEU D 55 -2.63 -23.30 1.79
N TYR D 56 -3.87 -23.12 1.34
CA TYR D 56 -4.16 -22.62 0.00
C TYR D 56 -4.51 -21.16 0.12
N PHE D 57 -3.77 -20.35 -0.59
CA PHE D 57 -3.86 -18.89 -0.52
C PHE D 57 -4.38 -18.45 -1.87
N GLY D 58 -5.58 -17.85 -1.87
CA GLY D 58 -6.15 -17.32 -3.09
C GLY D 58 -6.24 -15.82 -2.96
N ASP D 59 -5.47 -15.12 -3.79
CA ASP D 59 -5.34 -13.66 -3.70
C ASP D 59 -6.50 -12.95 -4.43
N THR D 60 -7.73 -13.28 -4.02
CA THR D 60 -8.88 -12.85 -4.81
C THR D 60 -9.12 -11.34 -4.76
N ALA D 61 -8.48 -10.63 -3.84
CA ALA D 61 -8.60 -9.19 -3.86
C ALA D 61 -7.85 -8.58 -5.03
N ARG D 62 -6.91 -9.28 -5.61
CA ARG D 62 -6.12 -8.72 -6.69
C ARG D 62 -6.16 -9.55 -7.96
N VAL D 63 -7.04 -10.56 -8.03
CA VAL D 63 -7.21 -11.36 -9.26
C VAL D 63 -7.81 -10.44 -10.32
N PRO D 64 -7.49 -10.61 -11.59
CA PRO D 64 -6.51 -11.54 -12.18
C PRO D 64 -5.08 -10.96 -12.33
N TYR D 65 -4.14 -11.88 -12.40
CA TYR D 65 -2.76 -11.56 -12.62
C TYR D 65 -2.49 -11.48 -14.13
N GLY D 66 -3.31 -12.14 -14.95
CA GLY D 66 -2.94 -12.38 -16.33
C GLY D 66 -2.82 -11.13 -17.20
N GLY D 67 -3.50 -10.04 -16.81
CA GLY D 67 -3.31 -8.77 -17.47
C GLY D 67 -2.53 -7.75 -16.68
N LYS D 68 -1.89 -8.12 -15.60
CA LYS D 68 -1.17 -7.08 -14.89
C LYS D 68 0.28 -7.08 -15.37
N PRO D 69 1.04 -6.01 -15.08
CA PRO D 69 2.45 -5.99 -15.43
C PRO D 69 3.19 -7.11 -14.79
N LEU D 70 4.07 -7.76 -15.54
CA LEU D 70 4.76 -8.89 -14.97
C LEU D 70 5.52 -8.53 -13.65
N ALA D 71 6.15 -7.33 -13.55
CA ALA D 71 6.88 -6.99 -12.33
C ALA D 71 5.96 -6.80 -11.12
N MET D 72 4.75 -6.33 -11.34
CA MET D 72 3.84 -6.23 -10.22
C MET D 72 3.48 -7.64 -9.70
N VAL D 73 3.31 -8.61 -10.61
CA VAL D 73 3.01 -9.97 -10.14
C VAL D 73 4.19 -10.49 -9.33
N ARG D 74 5.41 -10.08 -9.68
CA ARG D 74 6.58 -10.56 -8.98
C ARG D 74 6.56 -10.12 -7.53
N ARG D 75 6.05 -8.93 -7.26
CA ARG D 75 5.94 -8.44 -5.91
C ARG D 75 4.83 -9.16 -5.16
N PHE D 76 3.73 -9.44 -5.85
CA PHE D 76 2.70 -10.27 -5.25
C PHE D 76 3.27 -11.61 -4.80
N ALA D 77 4.04 -12.26 -5.66
CA ALA D 77 4.55 -13.58 -5.34
C ALA D 77 5.42 -13.51 -4.09
N TRP D 78 6.26 -12.48 -4.00
CA TRP D 78 7.18 -12.33 -2.87
C TRP D 78 6.44 -12.03 -1.58
N GLU D 79 5.39 -11.22 -1.67
CA GLU D 79 4.59 -10.90 -0.50
C GLU D 79 3.98 -12.20 0.04
N ILE D 80 3.30 -12.95 -0.85
CA ILE D 80 2.61 -14.13 -0.42
C ILE D 80 3.61 -15.20 0.01
N ALA D 81 4.71 -15.30 -0.69
CA ALA D 81 5.69 -16.29 -0.25
C ALA D 81 6.10 -16.01 1.19
N GLY D 82 6.28 -14.74 1.53
CA GLY D 82 6.64 -14.40 2.90
C GLY D 82 5.55 -14.71 3.89
N PHE D 83 4.32 -14.39 3.54
CA PHE D 83 3.23 -14.73 4.44
C PHE D 83 3.20 -16.26 4.71
N LEU D 84 3.35 -17.07 3.67
CA LEU D 84 3.34 -18.52 3.87
C LEU D 84 4.51 -18.95 4.72
N LEU D 85 5.69 -18.32 4.55
CA LEU D 85 6.82 -18.72 5.41
C LEU D 85 6.53 -18.38 6.88
N ARG D 86 5.83 -17.27 7.13
CA ARG D 86 5.44 -16.92 8.49
C ARG D 86 4.40 -17.85 9.07
N GLN D 87 3.63 -18.57 8.25
CA GLN D 87 2.68 -19.57 8.73
C GLN D 87 3.38 -20.91 8.99
N GLY D 88 4.62 -21.07 8.55
CA GLY D 88 5.37 -22.26 8.86
C GLY D 88 5.48 -23.31 7.78
N VAL D 89 5.17 -22.99 6.52
CA VAL D 89 5.09 -24.03 5.51
C VAL D 89 6.47 -24.63 5.29
N LYS D 90 6.51 -25.86 4.83
CA LYS D 90 7.77 -26.54 4.54
C LYS D 90 8.09 -26.54 3.05
N ALA D 91 7.21 -25.99 2.21
CA ALA D 91 7.40 -25.98 0.76
C ALA D 91 6.36 -25.05 0.16
N ILE D 92 6.64 -24.55 -1.03
CA ILE D 92 5.70 -23.66 -1.67
C ILE D 92 5.45 -24.13 -3.07
N VAL D 93 4.17 -24.22 -3.41
CA VAL D 93 3.74 -24.50 -4.75
C VAL D 93 3.09 -23.24 -5.28
N VAL D 94 3.64 -22.71 -6.37
CA VAL D 94 3.11 -21.54 -7.06
C VAL D 94 2.19 -22.14 -8.13
N ALA D 95 0.89 -22.21 -7.83
CA ALA D 95 -0.08 -22.82 -8.72
C ALA D 95 -0.51 -21.92 -9.85
N CYS D 96 -0.12 -20.65 -9.87
CA CYS D 96 -0.51 -19.79 -10.99
C CYS D 96 0.51 -19.82 -12.13
N ASN D 97 0.08 -19.98 -13.38
CA ASN D 97 1.05 -20.01 -14.46
C ASN D 97 1.63 -18.62 -14.64
N THR D 98 0.80 -17.59 -14.49
CA THR D 98 1.27 -16.22 -14.67
C THR D 98 2.36 -15.89 -13.62
N ALA D 99 2.10 -16.26 -12.35
CA ALA D 99 3.05 -15.95 -11.32
C ALA D 99 4.30 -16.80 -11.45
N SER D 100 4.16 -18.04 -11.92
CA SER D 100 5.35 -18.85 -12.17
C SER D 100 6.25 -18.18 -13.19
N SER D 101 5.66 -17.67 -14.25
CA SER D 101 6.37 -16.97 -15.31
C SER D 101 7.01 -15.72 -14.76
N ALA D 102 6.31 -15.08 -13.85
CA ALA D 102 6.77 -13.82 -13.34
C ALA D 102 7.86 -14.03 -12.29
N ALA D 103 7.83 -15.13 -11.54
CA ALA D 103 8.61 -15.21 -10.33
C ALA D 103 9.59 -16.36 -10.31
N LEU D 104 9.41 -17.35 -11.14
CA LEU D 104 10.40 -18.42 -11.13
C LEU D 104 11.30 -18.26 -12.33
N PRO D 105 12.55 -18.73 -12.27
CA PRO D 105 13.16 -19.53 -11.20
C PRO D 105 13.65 -18.78 -9.95
N ASP D 106 13.73 -17.44 -9.97
CA ASP D 106 14.38 -16.72 -8.88
C ASP D 106 13.76 -17.05 -7.52
N LEU D 107 12.44 -17.19 -7.48
CA LEU D 107 11.84 -17.41 -6.18
C LEU D 107 12.37 -18.69 -5.53
N ALA D 108 12.58 -19.73 -6.31
CA ALA D 108 13.17 -20.96 -5.77
C ALA D 108 14.64 -20.77 -5.44
N GLU D 109 15.37 -19.97 -6.23
CA GLU D 109 16.79 -19.72 -5.89
C GLU D 109 16.90 -18.92 -4.63
N ASP D 110 15.97 -18.02 -4.38
CA ASP D 110 16.16 -17.14 -3.24
C ASP D 110 15.70 -17.75 -1.92
N LEU D 111 14.79 -18.74 -1.96
CA LEU D 111 14.21 -19.26 -0.72
C LEU D 111 14.81 -20.62 -0.34
N SER D 112 14.94 -20.88 0.95
CA SER D 112 15.43 -22.17 1.40
C SER D 112 14.43 -23.30 1.26
N VAL D 113 13.16 -23.07 1.53
CA VAL D 113 12.22 -24.16 1.38
C VAL D 113 12.12 -24.49 -0.09
N PRO D 114 11.82 -25.74 -0.46
CA PRO D 114 11.55 -26.06 -1.86
C PRO D 114 10.39 -25.25 -2.40
N VAL D 115 10.58 -24.71 -3.58
CA VAL D 115 9.57 -23.96 -4.29
C VAL D 115 9.36 -24.64 -5.64
N PHE D 116 8.11 -24.90 -6.00
CA PHE D 116 7.74 -25.53 -7.27
C PHE D 116 6.77 -24.66 -8.03
N GLY D 117 6.88 -24.65 -9.35
CA GLY D 117 5.91 -23.95 -10.17
C GLY D 117 5.24 -24.85 -11.19
N VAL D 118 4.38 -24.24 -12.00
CA VAL D 118 3.55 -24.99 -12.89
C VAL D 118 4.02 -24.85 -14.30
N VAL D 119 5.15 -24.21 -14.51
CA VAL D 119 5.73 -24.08 -15.83
C VAL D 119 6.72 -25.19 -16.10
N GLU D 120 7.70 -25.40 -15.23
CA GLU D 120 8.78 -26.28 -15.67
C GLU D 120 8.30 -27.72 -15.85
N PRO D 121 7.56 -28.34 -14.93
CA PRO D 121 7.18 -29.73 -15.15
C PRO D 121 6.41 -29.95 -16.45
N ALA D 122 5.48 -29.08 -16.83
CA ALA D 122 4.76 -29.34 -18.07
C ALA D 122 5.64 -29.18 -19.29
N ALA D 123 6.51 -28.17 -19.28
CA ALA D 123 7.45 -27.99 -20.38
C ALA D 123 8.40 -29.17 -20.46
N ARG D 124 8.89 -29.66 -19.32
CA ARG D 124 9.81 -30.79 -19.34
C ARG D 124 9.21 -31.96 -20.10
N ALA D 125 7.97 -32.38 -19.75
CA ALA D 125 7.28 -33.44 -20.49
C ALA D 125 7.15 -33.08 -21.97
N ALA D 126 6.87 -31.82 -22.27
CA ALA D 126 6.71 -31.38 -23.64
C ALA D 126 7.96 -31.60 -24.50
N ARG D 127 9.13 -31.74 -23.88
CA ARG D 127 10.37 -31.84 -24.65
C ARG D 127 10.48 -33.17 -25.42
N GLY D 128 9.58 -34.14 -25.17
CA GLY D 128 9.55 -35.42 -25.87
C GLY D 128 8.61 -35.56 -27.06
N PHE D 129 8.29 -34.45 -27.70
CA PHE D 129 7.52 -34.39 -28.91
C PHE D 129 8.26 -33.45 -29.84
N ARG D 130 8.04 -33.54 -31.16
CA ARG D 130 8.85 -32.67 -32.03
C ARG D 130 8.27 -31.26 -32.19
N LYS D 131 6.95 -31.10 -32.25
CA LYS D 131 6.34 -29.81 -32.48
C LYS D 131 5.33 -29.54 -31.35
N VAL D 132 5.57 -28.48 -30.55
CA VAL D 132 4.82 -28.23 -29.31
C VAL D 132 4.21 -26.83 -29.32
N GLY D 133 2.92 -26.75 -28.95
CA GLY D 133 2.21 -25.48 -28.80
C GLY D 133 1.80 -25.09 -27.38
N LEU D 134 1.50 -23.80 -27.15
CA LEU D 134 1.09 -23.33 -25.85
C LEU D 134 -0.17 -22.47 -25.88
N ILE D 135 -1.07 -22.71 -24.91
CA ILE D 135 -2.18 -21.81 -24.62
C ILE D 135 -2.06 -21.34 -23.18
N GLY D 136 -2.45 -20.09 -22.92
CA GLY D 136 -2.40 -19.55 -21.56
C GLY D 136 -2.97 -18.15 -21.49
N THR D 137 -2.73 -17.48 -20.36
CA THR D 137 -3.09 -16.07 -20.18
C THR D 137 -2.21 -15.18 -21.06
N GLN D 138 -2.61 -13.92 -21.19
CA GLN D 138 -1.82 -12.85 -21.83
C GLN D 138 -0.38 -12.78 -21.29
N ALA D 139 -0.24 -12.58 -19.99
CA ALA D 139 1.08 -12.50 -19.41
C ALA D 139 1.91 -13.74 -19.72
N THR D 140 1.33 -14.92 -19.64
CA THR D 140 2.17 -16.12 -19.75
C THR D 140 2.83 -16.23 -21.13
N VAL D 141 2.06 -16.02 -22.20
CA VAL D 141 2.61 -16.26 -23.51
C VAL D 141 3.64 -15.18 -23.84
N GLU D 142 3.41 -13.95 -23.37
CA GLU D 142 4.39 -12.90 -23.54
C GLU D 142 5.58 -12.96 -22.59
N SER D 143 5.54 -13.78 -21.55
CA SER D 143 6.60 -13.69 -20.56
C SER D 143 7.89 -14.29 -21.09
N GLY D 144 7.79 -15.23 -22.03
CA GLY D 144 8.93 -16.00 -22.44
C GLY D 144 9.32 -17.10 -21.47
N ALA D 145 8.54 -17.28 -20.39
CA ALA D 145 8.91 -18.28 -19.41
C ALA D 145 8.95 -19.66 -20.06
N TYR D 146 7.95 -20.00 -20.90
CA TYR D 146 7.91 -21.35 -21.49
C TYR D 146 9.04 -21.55 -22.50
N PRO D 147 9.30 -20.62 -23.40
CA PRO D 147 10.48 -20.74 -24.28
C PRO D 147 11.80 -21.01 -23.57
N ARG D 148 11.96 -20.59 -22.31
CA ARG D 148 13.16 -20.88 -21.52
C ARG D 148 13.41 -22.38 -21.36
N TYR D 149 12.35 -23.19 -21.39
CA TYR D 149 12.42 -24.59 -21.03
C TYR D 149 12.10 -25.54 -22.17
N VAL D 150 11.43 -25.07 -23.23
CA VAL D 150 11.05 -25.94 -24.35
C VAL D 150 10.83 -25.06 -25.58
N ASP D 151 11.21 -25.56 -26.75
CA ASP D 151 11.00 -24.81 -27.98
C ASP D 151 9.55 -24.84 -28.43
N LEU D 152 8.98 -23.68 -28.74
CA LEU D 152 7.55 -23.59 -29.07
C LEU D 152 7.29 -23.34 -30.55
N ALA D 153 6.38 -24.15 -31.12
CA ALA D 153 5.97 -23.88 -32.48
C ALA D 153 4.93 -22.78 -32.58
N TRP D 154 4.08 -22.64 -31.58
CA TRP D 154 2.95 -21.74 -31.68
C TRP D 154 2.44 -21.46 -30.27
N ALA D 155 1.98 -20.23 -30.05
CA ALA D 155 1.47 -19.85 -28.73
C ALA D 155 0.40 -18.77 -28.88
N LYS D 156 -0.69 -18.96 -28.13
CA LYS D 156 -1.87 -18.13 -28.26
C LYS D 156 -2.47 -17.93 -26.87
N ALA D 157 -2.59 -16.65 -26.48
CA ALA D 157 -3.38 -16.24 -25.31
C ALA D 157 -4.88 -16.43 -25.57
N CYS D 158 -5.60 -16.96 -24.58
CA CYS D 158 -7.01 -17.29 -24.70
C CYS D 158 -7.81 -16.60 -23.59
N PRO D 159 -7.98 -15.27 -23.65
CA PRO D 159 -8.52 -14.57 -22.49
C PRO D 159 -9.91 -15.02 -22.06
N LEU D 160 -10.78 -15.38 -23.01
CA LEU D 160 -12.16 -15.76 -22.67
C LEU D 160 -12.21 -17.08 -21.94
N PHE D 161 -11.22 -17.94 -22.17
CA PHE D 161 -11.26 -19.22 -21.51
C PHE D 161 -11.44 -19.10 -20.00
N VAL D 162 -10.73 -18.16 -19.35
CA VAL D 162 -10.78 -18.12 -17.88
C VAL D 162 -12.20 -17.73 -17.48
N PRO D 163 -12.80 -16.65 -18.00
CA PRO D 163 -14.19 -16.36 -17.64
C PRO D 163 -15.15 -17.48 -18.06
N LEU D 164 -14.89 -18.20 -19.17
CA LEU D 164 -15.78 -19.30 -19.54
C LEU D 164 -15.81 -20.34 -18.46
N VAL D 165 -14.65 -20.71 -17.94
CA VAL D 165 -14.58 -21.68 -16.86
C VAL D 165 -15.22 -21.13 -15.58
N GLU D 166 -14.93 -19.88 -15.23
CA GLU D 166 -15.48 -19.42 -13.95
C GLU D 166 -16.99 -19.23 -14.03
N GLU D 167 -17.55 -19.02 -15.23
CA GLU D 167 -19.00 -18.98 -15.36
C GLU D 167 -19.68 -20.34 -15.48
N GLY D 168 -18.91 -21.42 -15.39
CA GLY D 168 -19.44 -22.77 -15.34
C GLY D 168 -19.84 -23.35 -16.68
N LEU D 169 -19.29 -22.83 -17.79
CA LEU D 169 -19.74 -23.11 -19.14
C LEU D 169 -18.77 -24.02 -19.91
N TRP D 170 -17.94 -24.78 -19.22
CA TRP D 170 -16.98 -25.58 -19.98
C TRP D 170 -17.62 -26.71 -20.75
N ASP D 171 -18.85 -27.12 -20.39
CA ASP D 171 -19.57 -28.19 -21.06
C ASP D 171 -20.66 -27.64 -21.98
N ASP D 172 -20.69 -26.31 -22.15
CA ASP D 172 -21.66 -25.66 -23.03
C ASP D 172 -21.10 -25.52 -24.46
N PRO D 173 -21.98 -25.47 -25.47
CA PRO D 173 -21.48 -25.38 -26.84
C PRO D 173 -20.84 -24.04 -27.12
N VAL D 174 -20.94 -23.03 -26.23
CA VAL D 174 -20.22 -21.78 -26.54
C VAL D 174 -18.76 -22.01 -26.30
N ALA D 175 -18.46 -22.86 -25.31
CA ALA D 175 -17.09 -23.24 -25.06
C ALA D 175 -16.52 -23.87 -26.32
N LEU D 176 -17.27 -24.82 -26.90
CA LEU D 176 -16.84 -25.43 -28.16
C LEU D 176 -16.58 -24.35 -29.22
N LEU D 177 -17.46 -23.34 -29.31
CA LEU D 177 -17.20 -22.29 -30.29
C LEU D 177 -16.00 -21.45 -29.95
N VAL D 178 -15.77 -21.14 -28.67
CA VAL D 178 -14.64 -20.28 -28.31
C VAL D 178 -13.34 -21.00 -28.58
N ALA D 179 -13.28 -22.31 -28.28
CA ALA D 179 -12.07 -23.05 -28.58
C ALA D 179 -11.70 -22.90 -30.05
N ARG D 180 -12.71 -23.01 -30.94
CA ARG D 180 -12.47 -22.85 -32.36
C ARG D 180 -11.96 -21.45 -32.70
N HIS D 181 -12.53 -20.39 -32.10
CA HIS D 181 -12.02 -19.05 -32.39
C HIS D 181 -10.52 -18.93 -32.08
N TYR D 182 -10.07 -19.59 -31.00
CA TYR D 182 -8.69 -19.43 -30.56
C TYR D 182 -7.74 -20.42 -31.20
N LEU D 183 -8.20 -21.67 -31.41
CA LEU D 183 -7.32 -22.76 -31.82
C LEU D 183 -7.36 -23.12 -33.32
N GLU D 184 -8.28 -22.58 -34.12
CA GLU D 184 -8.38 -23.03 -35.51
C GLU D 184 -7.04 -22.90 -36.21
N ASP D 185 -6.47 -21.68 -36.20
CA ASP D 185 -5.26 -21.41 -36.95
C ASP D 185 -3.98 -21.79 -36.22
N ALA D 186 -3.95 -23.00 -35.62
CA ALA D 186 -2.69 -23.51 -35.11
C ALA D 186 -2.24 -24.66 -36.00
N PRO D 187 -0.93 -24.85 -36.16
CA PRO D 187 -0.41 -25.90 -37.06
C PRO D 187 -1.06 -27.26 -36.83
N LYS D 188 -1.44 -27.91 -37.94
CA LYS D 188 -1.88 -29.31 -38.00
C LYS D 188 -0.83 -30.36 -37.58
N ASP D 189 0.47 -30.04 -37.60
CA ASP D 189 1.46 -31.02 -37.12
C ASP D 189 1.86 -30.91 -35.62
N LEU D 190 1.15 -30.15 -34.78
CA LEU D 190 1.30 -30.31 -33.31
C LEU D 190 1.02 -31.74 -32.86
N GLU D 191 1.92 -32.27 -32.07
CA GLU D 191 1.75 -33.55 -31.39
C GLU D 191 1.27 -33.35 -29.95
N ALA D 192 1.56 -32.18 -29.36
CA ALA D 192 1.21 -31.83 -27.98
C ALA D 192 0.90 -30.33 -27.82
N LEU D 193 0.02 -30.03 -26.86
CA LEU D 193 -0.38 -28.68 -26.48
C LEU D 193 -0.29 -28.55 -24.96
N ILE D 194 0.48 -27.55 -24.50
CA ILE D 194 0.60 -27.22 -23.08
C ILE D 194 -0.59 -26.39 -22.65
N LEU D 195 -1.37 -26.92 -21.70
CA LEU D 195 -2.46 -26.19 -21.06
C LEU D 195 -1.89 -25.28 -19.97
N GLY D 196 -1.35 -24.14 -20.39
CA GLY D 196 -0.60 -23.27 -19.50
C GLY D 196 -1.42 -22.29 -18.72
N CYS D 197 -2.45 -22.79 -18.07
CA CYS D 197 -3.26 -21.97 -17.20
C CYS D 197 -3.97 -22.89 -16.21
N THR D 198 -4.03 -22.50 -14.93
CA THR D 198 -4.67 -23.40 -13.96
C THR D 198 -6.08 -23.81 -14.36
N HIS D 199 -6.81 -22.96 -15.09
CA HIS D 199 -8.23 -23.20 -15.36
C HIS D 199 -8.48 -24.16 -16.52
N TYR D 200 -7.48 -24.42 -17.34
CA TYR D 200 -7.75 -25.08 -18.60
C TYR D 200 -8.08 -26.57 -18.46
N PRO D 201 -7.69 -27.30 -17.41
CA PRO D 201 -8.09 -28.72 -17.39
C PRO D 201 -9.59 -28.88 -17.40
N PHE D 202 -10.34 -27.80 -17.19
CA PHE D 202 -11.78 -27.89 -17.15
C PHE D 202 -12.34 -27.90 -18.55
N LEU D 203 -11.60 -27.36 -19.51
CA LEU D 203 -11.96 -27.32 -20.91
C LEU D 203 -11.15 -28.34 -21.71
N LYS D 204 -10.78 -29.44 -21.07
CA LYS D 204 -10.04 -30.50 -21.73
C LYS D 204 -10.87 -31.13 -22.83
N GLY D 205 -12.19 -31.28 -22.59
CA GLY D 205 -13.03 -31.84 -23.63
C GLY D 205 -13.15 -30.91 -24.83
N ALA D 206 -13.45 -29.65 -24.59
CA ALA D 206 -13.58 -28.76 -25.73
C ALA D 206 -12.25 -28.62 -26.45
N ILE D 207 -11.13 -28.54 -25.71
CA ILE D 207 -9.86 -28.39 -26.39
C ILE D 207 -9.54 -29.66 -27.16
N GLY D 208 -9.85 -30.81 -26.56
CA GLY D 208 -9.60 -32.09 -27.22
C GLY D 208 -10.45 -32.26 -28.48
N ALA D 209 -11.71 -31.81 -28.43
CA ALA D 209 -12.54 -31.93 -29.61
C ALA D 209 -11.99 -31.09 -30.76
N VAL D 210 -11.76 -29.79 -30.54
CA VAL D 210 -11.29 -28.92 -31.63
C VAL D 210 -9.89 -29.26 -32.13
N LEU D 211 -9.16 -30.06 -31.38
CA LEU D 211 -7.80 -30.44 -31.75
C LEU D 211 -7.57 -31.90 -31.38
N PRO D 212 -8.16 -32.81 -32.18
CA PRO D 212 -8.04 -34.26 -31.92
C PRO D 212 -6.65 -34.79 -32.22
N GLY D 213 -6.24 -35.80 -31.44
CA GLY D 213 -4.92 -36.38 -31.67
C GLY D 213 -3.75 -35.78 -30.92
N VAL D 214 -3.77 -34.45 -30.77
CA VAL D 214 -2.73 -33.72 -30.06
C VAL D 214 -2.75 -34.08 -28.58
N ALA D 215 -1.58 -34.40 -28.03
CA ALA D 215 -1.50 -34.72 -26.62
C ALA D 215 -1.62 -33.44 -25.78
N LEU D 216 -2.49 -33.48 -24.78
CA LEU D 216 -2.76 -32.32 -23.93
C LEU D 216 -1.98 -32.45 -22.62
N LEU D 217 -1.12 -31.49 -22.39
CA LEU D 217 -0.27 -31.50 -21.22
C LEU D 217 -0.87 -30.63 -20.11
N ASP D 218 -1.19 -31.27 -19.01
CA ASP D 218 -1.93 -30.68 -17.90
C ASP D 218 -0.93 -30.16 -16.87
N SER D 219 -0.90 -28.84 -16.67
CA SER D 219 0.04 -28.27 -15.68
C SER D 219 -0.20 -28.84 -14.28
N ALA D 220 -1.45 -28.96 -13.86
CA ALA D 220 -1.70 -29.39 -12.48
C ALA D 220 -1.25 -30.83 -12.24
N GLU D 221 -1.54 -31.74 -13.15
CA GLU D 221 -1.22 -33.13 -12.86
C GLU D 221 0.30 -33.33 -12.84
N LEU D 222 1.00 -32.72 -13.81
CA LEU D 222 2.46 -32.85 -13.91
C LEU D 222 3.20 -32.13 -12.77
N THR D 223 2.65 -31.02 -12.25
CA THR D 223 3.33 -30.37 -11.14
C THR D 223 3.16 -31.16 -9.86
N ALA D 224 1.95 -31.66 -9.61
CA ALA D 224 1.72 -32.40 -8.37
C ALA D 224 2.65 -33.60 -8.29
N GLN D 225 2.87 -34.27 -9.41
CA GLN D 225 3.82 -35.37 -9.43
C GLN D 225 5.21 -34.89 -9.10
N GLU D 226 5.64 -33.78 -9.72
CA GLU D 226 6.97 -33.24 -9.41
C GLU D 226 7.08 -32.90 -7.94
N VAL D 227 6.05 -32.26 -7.37
CA VAL D 227 6.06 -31.94 -5.95
C VAL D 227 6.18 -33.20 -5.07
N ALA D 228 5.32 -34.20 -5.31
CA ALA D 228 5.33 -35.42 -4.51
C ALA D 228 6.66 -36.17 -4.63
N ARG D 229 7.17 -36.25 -5.86
CA ARG D 229 8.42 -36.99 -6.04
C ARG D 229 9.50 -36.35 -5.20
N ALA D 230 9.71 -35.03 -5.40
CA ALA D 230 10.83 -34.30 -4.77
C ALA D 230 10.71 -34.22 -3.26
N LEU D 231 9.50 -34.08 -2.71
CA LEU D 231 9.37 -33.94 -1.26
C LEU D 231 9.69 -35.27 -0.59
N GLU D 232 9.28 -36.34 -1.26
CA GLU D 232 9.69 -37.69 -0.94
C GLU D 232 11.19 -37.83 -0.94
N ALA D 233 11.83 -37.44 -2.05
CA ALA D 233 13.28 -37.53 -2.17
C ALA D 233 13.99 -36.84 -0.99
N GLU D 234 13.36 -35.84 -0.39
CA GLU D 234 14.07 -35.11 0.64
C GLU D 234 13.65 -35.53 2.02
N GLY D 235 12.81 -36.54 2.14
CA GLY D 235 12.34 -36.91 3.45
C GLY D 235 11.42 -35.90 4.10
N LEU D 236 10.60 -35.21 3.30
CA LEU D 236 9.78 -34.14 3.82
C LEU D 236 8.31 -34.49 3.94
N LEU D 237 7.90 -35.66 3.44
CA LEU D 237 6.52 -36.05 3.48
C LEU D 237 6.16 -36.48 4.87
N ASN D 238 4.86 -36.49 5.14
CA ASN D 238 4.30 -36.73 6.45
C ASN D 238 3.68 -38.11 6.42
N PRO D 239 4.38 -39.09 6.97
CA PRO D 239 3.99 -40.50 6.85
C PRO D 239 2.76 -40.93 7.65
N GLU D 240 2.32 -40.14 8.59
CA GLU D 240 1.15 -40.48 9.35
C GLU D 240 0.10 -39.45 9.28
N GLY D 241 -1.01 -39.68 9.94
CA GLY D 241 -2.09 -38.72 9.97
C GLY D 241 -2.92 -38.41 8.74
N ARG D 242 -4.06 -37.78 8.99
CA ARG D 242 -4.98 -37.39 7.94
C ARG D 242 -4.71 -35.95 7.52
N GLY D 243 -4.76 -35.71 6.21
CA GLY D 243 -4.53 -34.37 5.67
C GLY D 243 -5.74 -33.48 5.97
N ARG D 244 -5.49 -32.18 6.04
CA ARG D 244 -6.53 -31.14 6.14
C ARG D 244 -6.15 -30.05 5.11
N THR D 245 -7.12 -29.24 4.70
CA THR D 245 -6.85 -28.07 3.85
C THR D 245 -7.45 -26.84 4.50
N PHE D 246 -6.68 -25.77 4.59
CA PHE D 246 -7.20 -24.48 5.03
C PHE D 246 -7.11 -23.50 3.88
N HIS D 247 -8.14 -22.68 3.69
CA HIS D 247 -8.17 -21.68 2.62
C HIS D 247 -7.98 -20.28 3.20
N LEU D 248 -7.11 -19.51 2.56
CA LEU D 248 -6.79 -18.15 2.96
C LEU D 248 -6.94 -17.28 1.72
N VAL D 249 -7.80 -16.25 1.79
CA VAL D 249 -8.04 -15.39 0.63
C VAL D 249 -7.99 -13.92 1.05
N THR D 250 -7.67 -13.05 0.08
CA THR D 250 -7.58 -11.61 0.35
C THR D 250 -8.85 -10.83 0.04
N GLY D 251 -9.77 -11.38 -0.76
CA GLY D 251 -11.03 -10.71 -1.03
C GLY D 251 -12.15 -11.29 -0.20
N ASP D 252 -13.38 -11.19 -0.71
CA ASP D 252 -14.51 -11.63 0.10
C ASP D 252 -14.59 -13.16 0.17
N PRO D 253 -14.63 -13.74 1.38
CA PRO D 253 -14.64 -15.21 1.54
C PRO D 253 -15.88 -15.88 1.01
N GLU D 254 -17.04 -15.24 1.11
CA GLU D 254 -18.25 -15.93 0.74
C GLU D 254 -18.36 -16.04 -0.78
N ALA D 255 -17.99 -14.98 -1.49
CA ALA D 255 -17.83 -15.02 -2.94
C ALA D 255 -16.82 -16.09 -3.33
N TYR D 256 -15.71 -16.17 -2.61
CA TYR D 256 -14.72 -17.20 -2.90
C TYR D 256 -15.30 -18.60 -2.80
N ARG D 257 -16.05 -18.87 -1.73
CA ARG D 257 -16.58 -20.21 -1.49
C ARG D 257 -17.57 -20.60 -2.58
N ALA D 258 -18.33 -19.63 -3.08
CA ALA D 258 -19.31 -19.91 -4.12
C ALA D 258 -18.64 -20.29 -5.41
N LEU D 259 -17.62 -19.51 -5.77
CA LEU D 259 -16.87 -19.79 -6.98
C LEU D 259 -16.15 -21.12 -6.88
N ALA D 260 -15.55 -21.40 -5.73
CA ALA D 260 -14.83 -22.66 -5.56
C ALA D 260 -15.77 -23.84 -5.68
N GLU D 261 -16.95 -23.76 -5.08
CA GLU D 261 -17.90 -24.86 -5.14
C GLU D 261 -18.36 -25.08 -6.60
N ARG D 262 -18.54 -24.01 -7.38
CA ARG D 262 -18.91 -24.26 -8.79
C ARG D 262 -17.85 -25.07 -9.53
N LEU D 263 -16.61 -25.04 -9.07
CA LEU D 263 -15.55 -25.86 -9.65
C LEU D 263 -15.29 -27.17 -8.87
N GLY D 264 -16.23 -27.61 -8.06
CA GLY D 264 -16.02 -28.91 -7.46
C GLY D 264 -15.14 -29.00 -6.23
N GLU D 265 -14.97 -27.92 -5.46
CA GLU D 265 -14.24 -28.01 -4.20
C GLU D 265 -15.22 -27.58 -3.12
N ARG D 266 -15.44 -28.46 -2.16
CA ARG D 266 -16.31 -28.12 -1.05
C ARG D 266 -15.35 -27.43 -0.11
N VAL D 267 -15.54 -26.14 0.11
CA VAL D 267 -14.56 -25.39 0.88
C VAL D 267 -15.01 -25.40 2.32
N GLU D 268 -14.20 -26.08 3.14
CA GLU D 268 -14.49 -26.30 4.55
C GLU D 268 -14.07 -25.10 5.39
N ALA D 269 -12.78 -24.78 5.43
CA ALA D 269 -12.31 -23.66 6.26
C ALA D 269 -11.84 -22.50 5.40
N VAL D 270 -12.43 -21.31 5.57
CA VAL D 270 -11.92 -20.16 4.83
C VAL D 270 -11.88 -18.93 5.75
N ARG D 271 -10.79 -18.16 5.66
CA ARG D 271 -10.59 -16.95 6.44
C ARG D 271 -10.03 -15.85 5.54
N ARG D 272 -10.42 -14.61 5.82
CA ARG D 272 -9.95 -13.46 5.05
C ARG D 272 -8.64 -12.89 5.62
N VAL D 273 -7.63 -12.76 4.76
CA VAL D 273 -6.33 -12.22 5.15
C VAL D 273 -6.15 -10.82 4.62
N SER D 274 -5.82 -9.85 5.49
CA SER D 274 -5.60 -8.47 5.01
C SER D 274 -4.33 -8.33 4.17
N LEU D 275 -4.44 -7.55 3.10
CA LEU D 275 -3.26 -7.06 2.38
C LEU D 275 -2.34 -6.26 3.30
N GLU D 276 -2.81 -5.91 4.52
CA GLU D 276 -1.92 -5.33 5.53
C GLU D 276 -1.00 -6.39 6.11
N GLU D 277 -1.46 -7.64 6.24
CA GLU D 277 -0.63 -8.77 6.68
C GLU D 277 0.44 -9.13 5.63
N LEU D 278 0.46 -8.43 4.49
CA LEU D 278 1.48 -8.75 3.50
C LEU D 278 2.45 -7.60 3.40
CL C2N E . 15.49 3.43 14.06
CB C2N E . 17.12 3.05 14.79
CA C2N E . 17.41 1.53 14.59
C C2N E . 18.28 0.71 15.62
OXT C2N E . 19.46 0.50 15.40
O C2N E . 17.78 0.26 16.64
N C2N E . 18.05 1.50 13.29
C1 GOL F . 23.42 -18.58 25.67
O1 GOL F . 24.71 -19.12 25.41
C2 GOL F . 22.98 -18.62 27.16
O2 GOL F . 23.92 -18.05 28.07
C3 GOL F . 21.55 -18.06 27.37
O3 GOL F . 20.66 -18.36 26.32
CL C2N G . 4.84 14.99 13.44
CB C2N G . 4.60 16.38 14.68
CA C2N G . 3.36 17.18 14.14
C C2N G . 3.24 18.75 14.20
OXT C2N G . 4.00 19.46 13.58
O C2N G . 2.35 19.32 14.75
N C2N G . 2.13 16.60 14.65
CL C2N H . -14.94 -3.62 -14.23
CB C2N H . -16.16 -2.96 -15.46
CA C2N H . -16.73 -1.61 -14.84
C C2N H . -18.22 -1.17 -15.03
OXT C2N H . -19.08 -1.61 -14.31
O C2N H . -18.56 -0.32 -15.81
N C2N H . -15.93 -0.45 -15.24
C1 GOL I . -12.30 24.11 -9.29
O1 GOL I . -11.47 24.81 -10.21
C2 GOL I . -11.60 24.02 -7.94
O2 GOL I . -12.46 24.56 -6.92
C3 GOL I . -11.28 22.57 -7.62
O3 GOL I . -9.87 22.42 -7.42
CL C2N J . -5.31 -15.33 -13.82
CB C2N J . -5.05 -17.07 -14.28
CA C2N J . -3.67 -17.60 -13.74
C C2N J . -2.96 -18.73 -14.60
OXT C2N J . -2.19 -18.37 -15.47
O C2N J . -3.13 -19.92 -14.42
N C2N J . -3.79 -18.02 -12.34
C1 GOL K . 10.65 -25.71 7.38
O1 GOL K . 9.99 -26.36 8.47
C2 GOL K . 11.03 -24.20 7.68
O2 GOL K . 12.45 -23.98 7.72
C3 GOL K . 10.42 -23.20 6.64
O3 GOL K . 9.81 -22.02 7.21
#